data_5A0V
#
_entry.id   5A0V
#
_cell.length_a   184.130
_cell.length_b   184.130
_cell.length_c   112.680
_cell.angle_alpha   90.00
_cell.angle_beta   90.00
_cell.angle_gamma   90.00
#
_symmetry.space_group_name_H-M   'P 43 2 2'
#
loop_
_entity.id
_entity.type
_entity.pdbx_description
1 polymer 'RIBONUCLEASE J'
2 polymer "5'-R(*CP*GP*CP*CP*UP*CP)-3'"
3 non-polymer 'ZINC ION'
4 non-polymer "CYTIDINE-5'-MONOPHOSPHATE"
5 water water
#
loop_
_entity_poly.entity_id
_entity_poly.type
_entity_poly.pdbx_seq_one_letter_code
_entity_poly.pdbx_strand_id
1 'polypeptide(L)'
;MSHPHPELGRPPALPKGGLRVTPLGGLGEIGRNMTVFEYGGRLLIVDCGVLFPEEEQPGIDLILPDFTSIRDRLDDIEGI
VLTHGHEDHIGGVPFLLREKPDIPLIGSKLTLALIEAKLQEHRIRPYTLEVAEGHRERVGPFDCEFVAVNHSIPDALAVA
IRTPAGMVVHTGDFKMDQLPLDGRLTDLHAFARLSEEGIDLLLADSTNAEVPGFVPPERDISNVLRQVFANARKRIIVAS
FASHVHRIQQILDAAHEYGRRVAFVGRSMVRNMGIARDLGYLKVPPGLVVDVKTLDDLPDSEVVLVCTGSQGEPMAALSR
MANRDHQIRIVNGDTVILASSLIPGNENAVYRVINGLTRWGANVVHKGNAKVHVSGHASAGELLYFYNICRPKNLMPVHG
EWRHLRANAELGALTGVPHDRIVIAEDGVVVDLVEGKAKITGKVQAGYVYVDGLSVGDVGEPALKDRKILGDEGIISVFV
VMDSSTGKITGGPHVQARGSGIEDSAFAAVLPKVTEALERSAQDGVVEPHQMQQLIRRTLGKWVSDTYRRRPMILPVVVE
V
;
A,B
2 'polyribonucleotide' CGCCUC E,F
#
# COMPACT_ATOMS: atom_id res chain seq x y z
N SER A 2 -19.67 13.66 -15.31
CA SER A 2 -18.53 13.36 -16.18
C SER A 2 -18.23 11.86 -16.20
N HIS A 3 -19.20 11.08 -15.71
CA HIS A 3 -19.15 9.64 -15.76
C HIS A 3 -20.21 9.18 -16.76
N PRO A 4 -20.23 7.87 -17.09
CA PRO A 4 -21.34 7.41 -17.93
C PRO A 4 -22.68 7.56 -17.21
N HIS A 5 -23.72 7.99 -17.94
CA HIS A 5 -25.05 8.20 -17.37
C HIS A 5 -25.52 6.92 -16.68
N PRO A 6 -26.09 7.06 -15.46
CA PRO A 6 -26.55 5.93 -14.64
C PRO A 6 -27.39 4.93 -15.41
N GLU A 7 -28.49 5.41 -15.98
CA GLU A 7 -29.30 4.53 -16.83
C GLU A 7 -29.03 4.80 -18.31
N LEU A 8 -28.02 4.12 -18.83
CA LEU A 8 -27.79 4.05 -20.26
C LEU A 8 -28.47 2.81 -20.78
N GLY A 9 -29.34 2.98 -21.77
CA GLY A 9 -30.01 1.84 -22.37
C GLY A 9 -29.04 1.00 -23.20
N ARG A 10 -29.56 -0.02 -23.87
CA ARG A 10 -28.76 -0.75 -24.83
C ARG A 10 -28.42 0.22 -25.96
N PRO A 11 -27.25 0.03 -26.60
CA PRO A 11 -26.86 0.89 -27.73
C PRO A 11 -27.78 0.70 -28.92
N PRO A 12 -28.02 1.78 -29.68
CA PRO A 12 -28.82 1.73 -30.91
C PRO A 12 -28.08 0.96 -31.99
N ALA A 13 -28.67 0.85 -33.18
CA ALA A 13 -27.95 0.20 -34.28
C ALA A 13 -26.68 0.97 -34.55
N LEU A 14 -25.62 0.27 -34.91
CA LEU A 14 -24.40 0.94 -35.33
C LEU A 14 -24.55 1.45 -36.75
N PRO A 15 -24.54 2.77 -36.92
CA PRO A 15 -24.66 3.39 -38.25
C PRO A 15 -23.68 2.83 -39.26
N LYS A 16 -24.05 2.86 -40.54
CA LYS A 16 -23.16 2.49 -41.61
C LYS A 16 -21.90 3.36 -41.56
N GLY A 17 -20.75 2.73 -41.64
CA GLY A 17 -19.50 3.46 -41.68
C GLY A 17 -18.95 3.84 -40.32
N GLY A 18 -19.69 3.54 -39.27
CA GLY A 18 -19.25 3.85 -37.92
C GLY A 18 -18.42 2.73 -37.32
N LEU A 19 -17.63 3.06 -36.30
CA LEU A 19 -16.93 2.01 -35.56
C LEU A 19 -17.47 1.93 -34.15
N ARG A 20 -17.55 0.75 -33.57
CA ARG A 20 -18.02 0.67 -32.21
C ARG A 20 -17.03 -0.02 -31.29
N VAL A 21 -16.59 0.75 -30.28
CA VAL A 21 -15.60 0.33 -29.31
C VAL A 21 -16.25 0.05 -27.96
N THR A 22 -15.88 -1.06 -27.34
CA THR A 22 -16.53 -1.49 -26.10
C THR A 22 -15.55 -2.16 -25.18
N PRO A 23 -15.11 -1.44 -24.16
CA PRO A 23 -14.30 -2.09 -23.13
C PRO A 23 -15.18 -3.03 -22.30
N LEU A 24 -14.86 -4.31 -22.30
CA LEU A 24 -15.55 -5.27 -21.44
C LEU A 24 -14.73 -5.44 -20.18
N GLY A 25 -13.47 -5.00 -20.25
CA GLY A 25 -12.67 -5.00 -19.04
C GLY A 25 -11.48 -4.07 -19.06
N GLY A 26 -11.10 -3.63 -17.86
CA GLY A 26 -9.87 -2.89 -17.64
C GLY A 26 -10.11 -1.46 -17.20
N LEU A 27 -11.38 -1.12 -17.00
CA LEU A 27 -11.78 0.26 -16.74
C LEU A 27 -12.57 0.32 -15.47
N GLY A 28 -12.05 1.06 -14.49
CA GLY A 28 -12.65 1.13 -13.17
C GLY A 28 -11.93 0.17 -12.25
N GLU A 29 -11.54 -0.96 -12.81
CA GLU A 29 -10.75 -1.93 -12.06
C GLU A 29 -9.68 -2.51 -12.97
N ILE A 30 -8.42 -2.28 -12.59
CA ILE A 30 -7.27 -2.68 -13.39
C ILE A 30 -7.17 -4.21 -13.50
N GLY A 31 -7.33 -4.70 -14.72
CA GLY A 31 -7.24 -6.12 -14.98
C GLY A 31 -8.36 -6.60 -15.88
N ARG A 32 -8.36 -7.90 -16.15
CA ARG A 32 -9.25 -8.53 -17.13
C ARG A 32 -9.52 -7.61 -18.33
N ASN A 33 -8.44 -7.10 -18.93
CA ASN A 33 -8.59 -6.16 -20.03
C ASN A 33 -9.15 -6.81 -21.26
N MET A 34 -10.19 -6.20 -21.80
CA MET A 34 -10.77 -6.70 -23.01
C MET A 34 -11.51 -5.57 -23.68
N THR A 35 -11.18 -5.37 -24.95
CA THR A 35 -11.88 -4.38 -25.76
C THR A 35 -12.40 -5.01 -27.04
N VAL A 36 -13.67 -4.72 -27.33
CA VAL A 36 -14.31 -5.23 -28.53
C VAL A 36 -14.48 -4.10 -29.54
N PHE A 37 -13.88 -4.26 -30.72
CA PHE A 37 -14.13 -3.38 -31.84
C PHE A 37 -15.18 -3.97 -32.80
N GLU A 38 -16.15 -3.16 -33.20
CA GLU A 38 -17.15 -3.61 -34.16
C GLU A 38 -17.16 -2.72 -35.39
N TYR A 39 -17.09 -3.33 -36.56
CA TYR A 39 -17.32 -2.62 -37.81
C TYR A 39 -18.04 -3.53 -38.79
N GLY A 40 -19.10 -3.02 -39.38
CA GLY A 40 -19.87 -3.76 -40.36
C GLY A 40 -20.23 -5.14 -39.88
N GLY A 41 -20.79 -5.22 -38.69
CA GLY A 41 -21.21 -6.51 -38.13
C GLY A 41 -20.10 -7.44 -37.69
N ARG A 42 -18.85 -7.11 -38.00
CA ARG A 42 -17.75 -7.97 -37.61
C ARG A 42 -16.99 -7.44 -36.37
N LEU A 43 -16.38 -8.34 -35.62
CA LEU A 43 -15.76 -8.04 -34.34
C LEU A 43 -14.29 -8.36 -34.34
N LEU A 44 -13.50 -7.39 -33.87
CA LEU A 44 -12.09 -7.65 -33.57
C LEU A 44 -11.92 -7.51 -32.06
N ILE A 45 -11.22 -8.45 -31.44
CA ILE A 45 -11.03 -8.32 -30.01
C ILE A 45 -9.58 -8.01 -29.68
N VAL A 46 -9.37 -6.94 -28.92
CA VAL A 46 -8.03 -6.63 -28.43
C VAL A 46 -7.88 -6.95 -26.95
N ASP A 47 -6.96 -7.87 -26.69
CA ASP A 47 -6.71 -8.47 -25.37
C ASP A 47 -7.95 -9.16 -24.76
N CYS A 48 -7.71 -10.21 -23.99
CA CYS A 48 -8.75 -10.84 -23.19
C CYS A 48 -8.13 -11.45 -21.94
N GLY A 49 -8.11 -10.67 -20.85
CA GLY A 49 -7.36 -11.06 -19.67
C GLY A 49 -8.19 -11.47 -18.48
N VAL A 50 -7.52 -11.81 -17.38
CA VAL A 50 -8.19 -12.13 -16.13
C VAL A 50 -7.94 -11.05 -15.10
N LEU A 51 -8.73 -11.07 -14.03
CA LEU A 51 -8.57 -10.16 -12.91
C LEU A 51 -8.45 -10.97 -11.64
N PHE A 52 -7.46 -10.65 -10.81
CA PHE A 52 -7.22 -11.44 -9.60
C PHE A 52 -7.98 -10.89 -8.40
N PRO A 53 -8.76 -11.76 -7.74
CA PRO A 53 -9.70 -11.39 -6.67
C PRO A 53 -9.01 -10.82 -5.44
N GLU A 54 -9.71 -9.93 -4.74
CA GLU A 54 -9.17 -9.26 -3.55
C GLU A 54 -8.87 -10.23 -2.40
N GLU A 55 -9.70 -11.25 -2.23
CA GLU A 55 -9.38 -12.32 -1.28
C GLU A 55 -9.33 -13.68 -2.01
N GLU A 56 -10.41 -14.42 -2.34
CA GLU A 56 -11.75 -14.43 -1.74
C GLU A 56 -12.03 -15.91 -1.41
N GLN A 57 -10.92 -16.63 -1.25
CA GLN A 57 -10.85 -18.03 -0.80
C GLN A 57 -11.89 -18.95 -1.51
N PRO A 58 -12.71 -19.78 -0.79
CA PRO A 58 -13.20 -20.90 -1.63
C PRO A 58 -14.10 -20.50 -2.81
N GLY A 59 -13.93 -21.20 -3.92
CA GLY A 59 -14.82 -21.09 -5.05
C GLY A 59 -14.55 -19.95 -6.02
N ILE A 60 -13.45 -19.22 -5.81
CA ILE A 60 -13.14 -18.08 -6.68
C ILE A 60 -11.64 -17.99 -6.98
N ASP A 61 -11.23 -18.65 -8.05
CA ASP A 61 -9.84 -18.58 -8.49
C ASP A 61 -9.61 -17.33 -9.34
N LEU A 62 -10.36 -17.19 -10.42
CA LEU A 62 -10.14 -16.04 -11.32
C LEU A 62 -11.40 -15.27 -11.68
N ILE A 63 -11.23 -14.02 -12.11
CA ILE A 63 -12.33 -13.19 -12.59
C ILE A 63 -12.17 -12.82 -14.08
N LEU A 64 -13.20 -13.14 -14.87
CA LEU A 64 -13.18 -12.93 -16.33
C LEU A 64 -13.99 -11.73 -16.78
N PRO A 65 -13.74 -11.25 -18.02
CA PRO A 65 -14.73 -10.34 -18.57
C PRO A 65 -16.07 -11.08 -18.84
N ASP A 66 -17.19 -10.39 -18.78
CA ASP A 66 -18.46 -11.02 -19.13
C ASP A 66 -18.58 -11.10 -20.66
N PHE A 67 -18.62 -12.32 -21.19
CA PHE A 67 -18.71 -12.51 -22.64
C PHE A 67 -20.15 -12.40 -23.20
N THR A 68 -21.12 -12.07 -22.35
CA THR A 68 -22.53 -12.02 -22.77
C THR A 68 -22.81 -11.26 -24.08
N SER A 69 -22.21 -10.08 -24.23
CA SER A 69 -22.51 -9.22 -25.36
C SER A 69 -21.91 -9.74 -26.67
N ILE A 70 -20.99 -10.71 -26.59
CA ILE A 70 -20.42 -11.31 -27.81
C ILE A 70 -20.74 -12.80 -27.97
N ARG A 71 -21.27 -13.43 -26.92
CA ARG A 71 -21.52 -14.87 -26.96
C ARG A 71 -22.52 -15.27 -28.06
N ASP A 72 -23.58 -14.50 -28.23
CA ASP A 72 -24.54 -14.83 -29.28
C ASP A 72 -24.01 -14.50 -30.66
N ARG A 73 -22.74 -14.13 -30.78
CA ARG A 73 -22.19 -13.81 -32.09
C ARG A 73 -20.70 -14.08 -32.21
N LEU A 74 -20.29 -15.23 -31.66
CA LEU A 74 -18.91 -15.67 -31.76
C LEU A 74 -18.48 -15.85 -33.21
N ASP A 75 -19.45 -16.12 -34.09
CA ASP A 75 -19.18 -16.25 -35.51
C ASP A 75 -18.73 -14.92 -36.12
N ASP A 76 -19.04 -13.82 -35.47
CA ASP A 76 -18.67 -12.52 -36.01
C ASP A 76 -17.20 -12.15 -35.69
N ILE A 77 -16.58 -12.87 -34.76
CA ILE A 77 -15.23 -12.51 -34.32
C ILE A 77 -14.13 -12.85 -35.35
N GLU A 78 -13.54 -11.81 -35.92
CA GLU A 78 -12.50 -11.95 -36.96
C GLU A 78 -11.15 -12.36 -36.41
N GLY A 79 -10.94 -12.17 -35.11
CA GLY A 79 -9.65 -12.41 -34.51
C GLY A 79 -9.51 -11.79 -33.12
N ILE A 80 -8.53 -12.29 -32.37
CA ILE A 80 -8.18 -11.75 -31.06
C ILE A 80 -6.73 -11.27 -31.09
N VAL A 81 -6.54 -9.96 -31.01
CA VAL A 81 -5.19 -9.39 -30.97
C VAL A 81 -4.63 -9.35 -29.55
N LEU A 82 -3.40 -9.84 -29.38
CA LEU A 82 -2.76 -9.90 -28.05
C LEU A 82 -1.56 -8.99 -28.03
N THR A 83 -1.70 -7.85 -27.35
CA THR A 83 -0.69 -6.79 -27.39
C THR A 83 0.61 -7.20 -26.73
N HIS A 84 0.51 -8.03 -25.67
CA HIS A 84 1.69 -8.58 -24.99
C HIS A 84 1.27 -9.71 -24.04
N GLY A 85 2.25 -10.45 -23.50
CA GLY A 85 2.01 -11.70 -22.79
C GLY A 85 1.65 -11.72 -21.29
N HIS A 86 1.12 -10.64 -20.76
CA HIS A 86 0.73 -10.64 -19.35
C HIS A 86 -0.70 -11.13 -19.07
N GLU A 87 -0.86 -11.79 -17.93
CA GLU A 87 -2.06 -12.57 -17.59
C GLU A 87 -3.35 -11.77 -17.63
N ASP A 88 -3.25 -10.48 -17.35
CA ASP A 88 -4.44 -9.64 -17.34
C ASP A 88 -4.69 -9.07 -18.73
N HIS A 89 -4.07 -9.72 -19.72
CA HIS A 89 -4.26 -9.39 -21.13
C HIS A 89 -4.47 -10.66 -21.96
N ILE A 90 -4.03 -11.81 -21.45
CA ILE A 90 -4.12 -13.06 -22.20
C ILE A 90 -4.73 -14.19 -21.37
N GLY A 91 -4.87 -13.97 -20.07
CA GLY A 91 -5.35 -15.02 -19.20
C GLY A 91 -6.78 -15.48 -19.45
N GLY A 92 -7.56 -14.63 -20.12
CA GLY A 92 -8.95 -14.94 -20.41
C GLY A 92 -9.16 -15.73 -21.69
N VAL A 93 -8.14 -15.74 -22.55
CA VAL A 93 -8.20 -16.41 -23.84
C VAL A 93 -8.65 -17.88 -23.81
N PRO A 94 -8.17 -18.67 -22.82
CA PRO A 94 -8.64 -20.07 -22.82
C PRO A 94 -10.15 -20.24 -22.63
N PHE A 95 -10.78 -19.29 -21.95
CA PHE A 95 -12.19 -19.40 -21.61
C PHE A 95 -13.06 -18.86 -22.74
N LEU A 96 -12.48 -17.99 -23.55
CA LEU A 96 -13.12 -17.51 -24.76
C LEU A 96 -12.98 -18.55 -25.89
N LEU A 97 -11.77 -19.11 -26.05
CA LEU A 97 -11.55 -20.15 -27.06
C LEU A 97 -12.28 -21.46 -26.75
N ARG A 98 -12.52 -21.70 -25.48
CA ARG A 98 -13.30 -22.86 -25.05
C ARG A 98 -14.67 -22.86 -25.74
N GLU A 99 -15.20 -21.68 -26.00
CA GLU A 99 -16.52 -21.51 -26.62
C GLU A 99 -16.46 -21.43 -28.16
N LYS A 100 -15.35 -20.98 -28.73
CA LYS A 100 -15.12 -21.04 -30.17
C LYS A 100 -13.62 -21.15 -30.49
N PRO A 101 -13.14 -22.38 -30.65
CA PRO A 101 -11.70 -22.68 -30.68
C PRO A 101 -10.96 -22.22 -31.93
N ASP A 102 -11.68 -21.89 -33.01
CA ASP A 102 -10.99 -21.52 -34.25
C ASP A 102 -10.85 -20.01 -34.44
N ILE A 103 -11.18 -19.22 -33.43
CA ILE A 103 -10.79 -17.81 -33.42
C ILE A 103 -9.26 -17.66 -33.43
N PRO A 104 -8.72 -16.96 -34.44
CA PRO A 104 -7.28 -16.78 -34.62
C PRO A 104 -6.66 -15.82 -33.60
N LEU A 105 -5.53 -16.21 -33.03
CA LEU A 105 -4.76 -15.35 -32.13
C LEU A 105 -3.67 -14.62 -32.89
N ILE A 106 -3.72 -13.30 -32.84
CA ILE A 106 -2.72 -12.47 -33.51
C ILE A 106 -1.79 -11.81 -32.49
N GLY A 107 -0.49 -11.99 -32.64
CA GLY A 107 0.41 -11.48 -31.64
C GLY A 107 1.87 -11.62 -31.98
N SER A 108 2.71 -11.06 -31.11
CA SER A 108 4.16 -11.16 -31.24
C SER A 108 4.62 -12.59 -30.96
N LYS A 109 5.87 -12.88 -31.30
CA LYS A 109 6.40 -14.23 -31.11
C LYS A 109 6.34 -14.68 -29.65
N LEU A 110 6.87 -13.87 -28.74
CA LEU A 110 6.89 -14.26 -27.34
C LEU A 110 5.47 -14.32 -26.77
N THR A 111 4.63 -13.32 -27.12
CA THR A 111 3.23 -13.30 -26.70
C THR A 111 2.55 -14.63 -27.03
N LEU A 112 2.67 -15.01 -28.29
CA LEU A 112 2.09 -16.27 -28.77
C LEU A 112 2.67 -17.47 -28.06
N ALA A 113 3.98 -17.50 -27.84
CA ALA A 113 4.59 -18.64 -27.17
C ALA A 113 4.04 -18.80 -25.74
N LEU A 114 3.82 -17.68 -25.05
CA LEU A 114 3.31 -17.75 -23.68
C LEU A 114 1.87 -18.24 -23.67
N ILE A 115 1.04 -17.62 -24.52
CA ILE A 115 -0.37 -17.98 -24.55
C ILE A 115 -0.52 -19.43 -25.05
N GLU A 116 0.36 -19.88 -25.93
CA GLU A 116 0.32 -21.27 -26.39
C GLU A 116 0.67 -22.22 -25.25
N ALA A 117 1.63 -21.80 -24.42
CA ALA A 117 1.95 -22.60 -23.23
C ALA A 117 0.71 -22.74 -22.33
N LYS A 118 0.05 -21.62 -22.04
CA LYS A 118 -1.16 -21.70 -21.22
C LYS A 118 -2.25 -22.55 -21.87
N LEU A 119 -2.38 -22.45 -23.19
CA LEU A 119 -3.49 -23.11 -23.87
C LEU A 119 -3.30 -24.60 -23.91
N GLN A 120 -2.03 -25.02 -23.94
CA GLN A 120 -1.66 -26.43 -23.92
C GLN A 120 -2.28 -27.13 -22.70
N GLU A 121 -2.20 -26.49 -21.54
CA GLU A 121 -2.77 -27.02 -20.30
C GLU A 121 -4.30 -27.20 -20.39
N HIS A 122 -4.95 -26.46 -21.28
CA HIS A 122 -6.39 -26.58 -21.47
C HIS A 122 -6.74 -27.48 -22.65
N ARG A 123 -5.74 -28.18 -23.19
CA ARG A 123 -5.90 -29.05 -24.35
C ARG A 123 -6.38 -28.28 -25.56
N ILE A 124 -5.96 -27.02 -25.69
CA ILE A 124 -6.40 -26.21 -26.81
C ILE A 124 -5.23 -25.75 -27.67
N ARG A 125 -5.34 -26.01 -28.97
CA ARG A 125 -4.34 -25.53 -29.90
C ARG A 125 -5.01 -24.57 -30.88
N PRO A 126 -4.60 -23.30 -30.84
CA PRO A 126 -5.26 -22.23 -31.57
C PRO A 126 -4.66 -22.00 -32.93
N TYR A 127 -5.44 -21.45 -33.85
CA TYR A 127 -4.89 -20.89 -35.08
C TYR A 127 -4.21 -19.57 -34.72
N THR A 128 -2.98 -19.37 -35.19
CA THR A 128 -2.31 -18.11 -34.86
C THR A 128 -1.79 -17.38 -36.07
N LEU A 129 -1.65 -16.07 -35.89
CA LEU A 129 -0.95 -15.23 -36.83
C LEU A 129 0.08 -14.40 -36.06
N GLU A 130 1.34 -14.78 -36.19
CA GLU A 130 2.43 -14.08 -35.57
C GLU A 130 2.77 -12.82 -36.32
N VAL A 131 2.83 -11.71 -35.59
CA VAL A 131 3.17 -10.45 -36.23
C VAL A 131 4.38 -9.88 -35.53
N ALA A 132 4.98 -8.92 -36.20
CA ALA A 132 6.09 -8.18 -35.64
C ALA A 132 5.85 -6.73 -35.96
N GLU A 133 6.63 -5.85 -35.34
CA GLU A 133 6.47 -4.43 -35.59
C GLU A 133 6.60 -4.15 -37.09
N GLY A 134 5.76 -3.26 -37.60
CA GLY A 134 5.79 -2.98 -39.02
C GLY A 134 4.87 -3.81 -39.89
N HIS A 135 4.57 -5.04 -39.47
CA HIS A 135 3.63 -5.89 -40.22
C HIS A 135 2.26 -5.24 -40.29
N ARG A 136 1.69 -5.29 -41.49
CA ARG A 136 0.34 -4.80 -41.72
C ARG A 136 -0.45 -5.93 -42.35
N GLU A 137 -1.65 -6.13 -41.84
CA GLU A 137 -2.42 -7.34 -42.11
C GLU A 137 -3.91 -7.04 -42.08
N ARG A 138 -4.66 -7.60 -43.02
CA ARG A 138 -6.09 -7.36 -43.00
C ARG A 138 -6.80 -8.56 -42.35
N VAL A 139 -7.65 -8.25 -41.39
CA VAL A 139 -8.35 -9.25 -40.60
C VAL A 139 -9.81 -8.87 -40.67
N GLY A 140 -10.57 -9.58 -41.50
CA GLY A 140 -11.92 -9.14 -41.82
C GLY A 140 -11.88 -7.72 -42.35
N PRO A 141 -12.77 -6.86 -41.85
CA PRO A 141 -12.75 -5.45 -42.26
C PRO A 141 -11.67 -4.61 -41.59
N PHE A 142 -10.91 -5.20 -40.67
CA PHE A 142 -9.96 -4.44 -39.86
C PHE A 142 -8.53 -4.48 -40.42
N ASP A 143 -8.02 -3.33 -40.85
CA ASP A 143 -6.65 -3.25 -41.34
C ASP A 143 -5.68 -2.95 -40.18
N CYS A 144 -4.95 -3.96 -39.73
CA CYS A 144 -4.11 -3.83 -38.54
C CYS A 144 -2.62 -3.64 -38.87
N GLU A 145 -2.07 -2.51 -38.43
CA GLU A 145 -0.64 -2.24 -38.51
C GLU A 145 -0.07 -2.32 -37.09
N PHE A 146 1.03 -3.03 -36.89
CA PHE A 146 1.54 -3.20 -35.53
C PHE A 146 2.79 -2.35 -35.26
N VAL A 147 2.87 -1.84 -34.04
CA VAL A 147 3.90 -0.87 -33.67
C VAL A 147 4.62 -1.29 -32.41
N ALA A 148 5.95 -1.20 -32.40
CA ALA A 148 6.71 -1.64 -31.23
C ALA A 148 6.44 -0.77 -30.02
N VAL A 149 6.19 -1.40 -28.87
CA VAL A 149 6.22 -0.64 -27.62
C VAL A 149 7.09 -1.31 -26.57
N ASN A 150 7.82 -0.48 -25.85
CA ASN A 150 8.67 -0.93 -24.76
C ASN A 150 7.81 -1.15 -23.51
N HIS A 151 8.22 -2.07 -22.64
CA HIS A 151 7.39 -2.41 -21.50
C HIS A 151 8.07 -3.41 -20.56
N SER A 152 7.38 -3.81 -19.49
CA SER A 152 7.90 -4.78 -18.52
C SER A 152 8.10 -6.17 -19.09
N ILE A 153 7.44 -6.48 -20.20
CA ILE A 153 7.67 -7.76 -20.86
C ILE A 153 8.18 -7.49 -22.27
N PRO A 154 9.06 -8.36 -22.80
CA PRO A 154 9.51 -8.04 -24.16
C PRO A 154 8.45 -8.37 -25.21
N ASP A 155 8.65 -7.88 -26.43
CA ASP A 155 7.81 -8.15 -27.61
C ASP A 155 6.38 -7.61 -27.52
N ALA A 156 6.18 -6.45 -26.92
CA ALA A 156 4.83 -5.88 -26.84
C ALA A 156 4.54 -4.96 -28.02
N LEU A 157 3.27 -4.95 -28.44
CA LEU A 157 2.83 -4.16 -29.58
C LEU A 157 1.66 -3.29 -29.26
N ALA A 158 1.68 -2.09 -29.79
CA ALA A 158 0.48 -1.31 -29.99
C ALA A 158 -0.08 -1.72 -31.36
N VAL A 159 -1.35 -1.43 -31.60
CA VAL A 159 -1.92 -1.73 -32.90
C VAL A 159 -2.72 -0.55 -33.41
N ALA A 160 -2.49 -0.18 -34.66
CA ALA A 160 -3.30 0.80 -35.35
C ALA A 160 -4.29 0.07 -36.26
N ILE A 161 -5.57 0.33 -36.04
CA ILE A 161 -6.65 -0.31 -36.75
C ILE A 161 -7.37 0.65 -37.69
N ARG A 162 -7.18 0.45 -39.00
CA ARG A 162 -7.84 1.24 -40.02
C ARG A 162 -9.12 0.59 -40.52
N THR A 163 -10.18 1.39 -40.53
CA THR A 163 -11.46 1.05 -41.15
C THR A 163 -11.98 2.31 -41.83
N PRO A 164 -13.08 2.21 -42.58
CA PRO A 164 -13.67 3.43 -43.14
C PRO A 164 -14.25 4.38 -42.08
N ALA A 165 -14.16 3.99 -40.81
CA ALA A 165 -14.60 4.85 -39.73
C ALA A 165 -13.45 5.76 -39.30
N GLY A 166 -12.26 5.38 -39.74
CA GLY A 166 -11.04 6.06 -39.39
C GLY A 166 -9.99 5.12 -38.83
N MET A 167 -8.95 5.70 -38.23
CA MET A 167 -7.89 4.94 -37.60
C MET A 167 -7.95 5.01 -36.09
N VAL A 168 -8.03 3.84 -35.46
CA VAL A 168 -7.99 3.73 -34.02
C VAL A 168 -6.64 3.21 -33.58
N VAL A 169 -5.95 3.91 -32.70
CA VAL A 169 -4.70 3.36 -32.15
C VAL A 169 -4.93 2.86 -30.73
N HIS A 170 -4.52 1.62 -30.48
CA HIS A 170 -4.61 1.00 -29.16
C HIS A 170 -3.19 0.73 -28.70
N THR A 171 -2.75 1.43 -27.65
CA THR A 171 -1.35 1.39 -27.24
C THR A 171 -0.96 0.13 -26.49
N GLY A 172 -1.94 -0.66 -26.11
CA GLY A 172 -1.67 -1.74 -25.17
C GLY A 172 -1.07 -1.12 -23.92
N ASP A 173 -0.15 -1.83 -23.30
CA ASP A 173 0.55 -1.29 -22.16
C ASP A 173 1.91 -0.85 -22.64
N PHE A 174 2.33 0.33 -22.19
CA PHE A 174 3.59 0.84 -22.66
C PHE A 174 4.20 1.87 -21.73
N LYS A 175 5.52 1.98 -21.82
CA LYS A 175 6.23 3.10 -21.28
C LYS A 175 7.18 3.55 -22.38
N MET A 176 8.12 4.44 -22.06
CA MET A 176 9.03 4.93 -23.08
C MET A 176 10.46 4.98 -22.59
N ASP A 177 11.02 3.81 -22.31
CA ASP A 177 12.41 3.71 -21.90
C ASP A 177 13.28 4.16 -23.07
N GLN A 178 14.15 5.14 -22.85
CA GLN A 178 15.06 5.55 -23.92
C GLN A 178 16.35 4.72 -23.99
N LEU A 179 16.57 3.83 -23.04
CA LEU A 179 17.72 2.93 -23.11
C LEU A 179 17.35 1.49 -22.75
N PRO A 180 16.45 0.88 -23.53
CA PRO A 180 15.99 -0.49 -23.22
C PRO A 180 17.08 -1.52 -23.44
N LEU A 181 17.18 -2.52 -22.56
CA LEU A 181 18.18 -3.59 -22.64
C LEU A 181 18.33 -4.20 -24.04
N ASP A 182 17.22 -4.42 -24.72
CA ASP A 182 17.23 -5.03 -26.05
C ASP A 182 17.15 -4.03 -27.20
N GLY A 183 17.50 -2.77 -26.93
CA GLY A 183 17.46 -1.72 -27.94
C GLY A 183 16.11 -1.45 -28.58
N ARG A 184 15.06 -2.15 -28.14
CA ARG A 184 13.77 -2.02 -28.79
C ARG A 184 12.94 -0.88 -28.22
N LEU A 185 13.04 0.28 -28.85
CA LEU A 185 12.26 1.44 -28.42
C LEU A 185 10.78 1.39 -28.82
N THR A 186 9.96 2.03 -27.99
CA THR A 186 8.60 2.41 -28.36
C THR A 186 8.69 3.32 -29.56
N ASP A 187 8.04 2.90 -30.64
CA ASP A 187 8.32 3.42 -31.97
C ASP A 187 7.69 4.80 -32.24
N LEU A 188 8.34 5.87 -31.78
CA LEU A 188 7.72 7.20 -31.90
C LEU A 188 7.65 7.65 -33.35
N HIS A 189 8.58 7.18 -34.17
CA HIS A 189 8.56 7.45 -35.60
C HIS A 189 7.24 6.97 -36.21
N ALA A 190 6.93 5.72 -35.89
CA ALA A 190 5.69 5.08 -36.34
C ALA A 190 4.48 5.92 -35.93
N PHE A 191 4.43 6.27 -34.65
CA PHE A 191 3.33 7.07 -34.14
C PHE A 191 3.26 8.44 -34.79
N ALA A 192 4.41 9.02 -35.12
CA ALA A 192 4.41 10.35 -35.67
C ALA A 192 3.82 10.29 -37.07
N ARG A 193 4.23 9.27 -37.82
CA ARG A 193 3.71 9.03 -39.17
C ARG A 193 2.19 8.83 -39.12
N LEU A 194 1.76 7.90 -38.27
CA LEU A 194 0.34 7.66 -38.02
C LEU A 194 -0.42 8.95 -37.70
N SER A 195 0.19 9.79 -36.87
CA SER A 195 -0.43 11.03 -36.44
C SER A 195 -0.61 11.98 -37.60
N GLU A 196 0.30 11.91 -38.57
CA GLU A 196 0.18 12.80 -39.74
C GLU A 196 -0.86 12.24 -40.72
N GLU A 197 -1.08 10.94 -40.67
CA GLU A 197 -2.17 10.36 -41.43
C GLU A 197 -3.53 10.71 -40.80
N GLY A 198 -3.55 10.82 -39.47
CA GLY A 198 -4.77 11.08 -38.74
C GLY A 198 -5.16 9.94 -37.79
N ILE A 199 -4.96 10.15 -36.49
CA ILE A 199 -5.41 9.21 -35.49
C ILE A 199 -6.77 9.68 -34.97
N ASP A 200 -7.82 8.91 -35.21
CA ASP A 200 -9.16 9.41 -34.91
C ASP A 200 -9.59 9.06 -33.49
N LEU A 201 -9.04 7.99 -32.97
CA LEU A 201 -9.36 7.59 -31.62
C LEU A 201 -8.14 6.90 -31.07
N LEU A 202 -7.61 7.44 -29.98
CA LEU A 202 -6.47 6.84 -29.32
C LEU A 202 -6.94 6.23 -27.99
N LEU A 203 -6.62 4.97 -27.78
CA LEU A 203 -6.93 4.31 -26.52
C LEU A 203 -5.61 4.12 -25.80
N ALA A 204 -5.45 4.84 -24.69
CA ALA A 204 -4.14 4.88 -24.05
C ALA A 204 -4.12 4.42 -22.58
N ASP A 205 -3.09 3.64 -22.27
CA ASP A 205 -2.69 3.20 -20.92
C ASP A 205 -2.73 4.29 -19.84
N SER A 206 -3.53 4.09 -18.80
CA SER A 206 -3.72 5.14 -17.80
C SER A 206 -3.02 4.83 -16.48
N THR A 207 -2.50 3.63 -16.37
CA THR A 207 -1.97 3.07 -15.13
C THR A 207 -1.14 4.03 -14.27
N ASN A 208 -0.27 4.79 -14.91
CA ASN A 208 0.66 5.66 -14.19
C ASN A 208 0.45 7.15 -14.45
N ALA A 209 -0.74 7.51 -14.90
CA ALA A 209 -1.01 8.88 -15.29
C ALA A 209 -1.00 9.85 -14.10
N GLU A 210 -1.29 9.33 -12.90
CA GLU A 210 -1.30 10.14 -11.68
C GLU A 210 0.11 10.50 -11.21
N VAL A 211 1.10 9.75 -11.69
CA VAL A 211 2.51 9.93 -11.36
C VAL A 211 3.24 10.96 -12.21
N PRO A 212 3.78 11.99 -11.58
CA PRO A 212 4.37 13.05 -12.41
C PRO A 212 5.78 12.67 -12.83
N GLY A 213 6.29 13.34 -13.86
CA GLY A 213 7.62 13.07 -14.36
C GLY A 213 7.80 11.85 -15.23
N PHE A 214 8.97 11.24 -15.10
CA PHE A 214 9.35 10.18 -16.01
C PHE A 214 9.76 8.92 -15.27
N VAL A 215 9.49 7.77 -15.87
CA VAL A 215 9.95 6.49 -15.32
C VAL A 215 11.46 6.42 -15.47
N PRO A 216 12.17 6.15 -14.37
CA PRO A 216 13.61 5.91 -14.46
C PRO A 216 13.88 4.73 -15.37
N PRO A 217 14.94 4.80 -16.17
CA PRO A 217 15.22 3.69 -17.10
C PRO A 217 15.62 2.42 -16.36
N GLU A 218 15.14 1.30 -16.88
CA GLU A 218 15.33 -0.01 -16.26
C GLU A 218 16.81 -0.28 -15.87
N ARG A 219 17.73 0.19 -16.70
CA ARG A 219 19.13 -0.13 -16.55
C ARG A 219 19.72 0.45 -15.25
N ASP A 220 19.04 1.42 -14.67
CA ASP A 220 19.50 2.02 -13.41
C ASP A 220 19.46 0.97 -12.31
N ILE A 221 18.48 0.08 -12.41
CA ILE A 221 18.35 -1.02 -11.45
C ILE A 221 19.66 -1.82 -11.34
N SER A 222 20.35 -1.99 -12.47
CA SER A 222 21.62 -2.71 -12.46
C SER A 222 22.55 -2.20 -11.36
N ASN A 223 22.70 -0.89 -11.26
CA ASN A 223 23.58 -0.32 -10.23
C ASN A 223 23.23 -0.82 -8.84
N VAL A 224 21.96 -0.67 -8.50
CA VAL A 224 21.50 -1.09 -7.20
C VAL A 224 21.76 -2.58 -7.00
N LEU A 225 21.45 -3.38 -8.02
CA LEU A 225 21.70 -4.81 -7.92
C LEU A 225 23.18 -5.05 -7.60
N ARG A 226 24.05 -4.47 -8.41
CA ARG A 226 25.48 -4.60 -8.17
C ARG A 226 25.86 -4.19 -6.74
N GLN A 227 25.31 -3.08 -6.24
CA GLN A 227 25.66 -2.66 -4.87
C GLN A 227 25.28 -3.78 -3.92
N VAL A 228 24.04 -4.26 -4.06
CA VAL A 228 23.54 -5.31 -3.19
C VAL A 228 24.45 -6.51 -3.34
N PHE A 229 24.78 -6.86 -4.57
CA PHE A 229 25.53 -8.08 -4.81
C PHE A 229 26.93 -7.94 -4.23
N ALA A 230 27.45 -6.72 -4.27
CA ALA A 230 28.81 -6.47 -3.84
C ALA A 230 28.90 -6.63 -2.34
N ASN A 231 27.80 -6.37 -1.65
CA ASN A 231 27.84 -6.32 -0.20
C ASN A 231 27.16 -7.53 0.44
N ALA A 232 26.97 -8.58 -0.34
CA ALA A 232 26.21 -9.71 0.15
C ALA A 232 27.15 -10.89 0.43
N ARG A 233 27.33 -11.18 1.71
CA ARG A 233 28.37 -12.11 2.09
C ARG A 233 27.85 -13.55 1.98
N LYS A 234 26.54 -13.72 1.86
CA LYS A 234 25.95 -15.05 1.78
C LYS A 234 25.03 -15.25 0.55
N ARG A 235 23.99 -16.07 0.66
CA ARG A 235 23.16 -16.33 -0.52
C ARG A 235 22.30 -15.14 -0.86
N ILE A 236 21.99 -14.99 -2.14
CA ILE A 236 21.00 -14.01 -2.54
C ILE A 236 19.78 -14.71 -3.14
N ILE A 237 18.61 -14.26 -2.74
CA ILE A 237 17.35 -14.74 -3.26
C ILE A 237 16.65 -13.56 -3.90
N VAL A 238 16.34 -13.65 -5.18
CA VAL A 238 15.69 -12.53 -5.85
C VAL A 238 14.34 -12.97 -6.35
N ALA A 239 13.34 -12.15 -6.07
CA ALA A 239 11.97 -12.45 -6.46
C ALA A 239 11.53 -11.43 -7.50
N SER A 240 10.85 -11.94 -8.51
CA SER A 240 10.40 -11.09 -9.59
C SER A 240 9.23 -11.79 -10.23
N PHE A 241 8.45 -11.05 -11.01
CA PHE A 241 7.41 -11.63 -11.84
C PHE A 241 8.08 -12.49 -12.90
N ALA A 242 7.61 -13.74 -13.03
CA ALA A 242 8.16 -14.70 -14.00
C ALA A 242 8.19 -14.24 -15.47
N SER A 243 7.64 -13.08 -15.78
CA SER A 243 7.63 -12.65 -17.18
C SER A 243 8.55 -11.47 -17.40
N HIS A 244 9.12 -10.95 -16.31
CA HIS A 244 9.94 -9.75 -16.42
C HIS A 244 11.35 -10.08 -16.90
N VAL A 245 11.45 -10.37 -18.19
CA VAL A 245 12.68 -10.91 -18.76
C VAL A 245 13.85 -9.97 -18.57
N HIS A 246 13.66 -8.68 -18.82
CA HIS A 246 14.78 -7.75 -18.72
C HIS A 246 15.32 -7.60 -17.29
N ARG A 247 14.42 -7.52 -16.33
CA ARG A 247 14.75 -7.54 -14.92
C ARG A 247 15.68 -8.71 -14.57
N ILE A 248 15.23 -9.88 -15.00
CA ILE A 248 15.94 -11.11 -14.72
C ILE A 248 17.28 -11.10 -15.45
N GLN A 249 17.29 -10.53 -16.64
CA GLN A 249 18.50 -10.35 -17.41
C GLN A 249 19.54 -9.63 -16.56
N GLN A 250 19.12 -8.54 -15.94
CA GLN A 250 20.00 -7.78 -15.08
C GLN A 250 20.49 -8.54 -13.84
N ILE A 251 19.61 -9.36 -13.27
CA ILE A 251 20.03 -10.23 -12.17
C ILE A 251 21.12 -11.22 -12.63
N LEU A 252 20.97 -11.87 -13.78
CA LEU A 252 22.01 -12.77 -14.27
C LEU A 252 23.30 -12.00 -14.53
N ASP A 253 23.17 -10.82 -15.13
CA ASP A 253 24.33 -9.98 -15.41
C ASP A 253 25.14 -9.72 -14.12
N ALA A 254 24.45 -9.31 -13.05
CA ALA A 254 25.14 -9.07 -11.78
C ALA A 254 25.74 -10.34 -11.22
N ALA A 255 25.00 -11.45 -11.34
CA ALA A 255 25.44 -12.73 -10.81
C ALA A 255 26.78 -13.11 -11.43
N HIS A 256 26.82 -13.09 -12.76
CA HIS A 256 28.04 -13.30 -13.52
C HIS A 256 29.17 -12.36 -13.07
N GLU A 257 28.87 -11.07 -12.98
CA GLU A 257 29.89 -10.11 -12.58
C GLU A 257 30.55 -10.45 -11.25
N TYR A 258 29.79 -11.05 -10.35
CA TYR A 258 30.27 -11.28 -8.99
C TYR A 258 30.50 -12.75 -8.68
N GLY A 259 30.79 -13.52 -9.73
CA GLY A 259 31.07 -14.93 -9.62
C GLY A 259 30.04 -15.77 -8.89
N ARG A 260 28.76 -15.56 -9.20
CA ARG A 260 27.73 -16.42 -8.61
C ARG A 260 27.01 -17.28 -9.65
N ARG A 261 26.40 -18.36 -9.20
CA ARG A 261 25.64 -19.23 -10.11
C ARG A 261 24.17 -18.99 -9.83
N VAL A 262 23.34 -19.10 -10.85
CA VAL A 262 21.91 -18.85 -10.68
C VAL A 262 21.08 -20.11 -10.88
N ALA A 263 20.10 -20.29 -10.01
CA ALA A 263 19.08 -21.30 -10.22
C ALA A 263 17.69 -20.66 -10.18
N PHE A 264 16.82 -21.10 -11.07
CA PHE A 264 15.44 -20.63 -11.08
C PHE A 264 14.53 -21.52 -10.25
N VAL A 265 13.71 -20.90 -9.41
CA VAL A 265 12.80 -21.66 -8.58
C VAL A 265 11.36 -21.23 -8.86
N GLY A 266 10.48 -22.22 -9.01
CA GLY A 266 9.07 -21.93 -9.21
C GLY A 266 8.59 -22.30 -10.59
N ARG A 267 7.43 -22.96 -10.65
CA ARG A 267 6.93 -23.47 -11.92
C ARG A 267 6.91 -22.37 -12.99
N SER A 268 6.31 -21.23 -12.67
CA SER A 268 6.13 -20.16 -13.66
C SER A 268 7.47 -19.64 -14.14
N MET A 269 8.35 -19.39 -13.17
CA MET A 269 9.67 -18.84 -13.43
C MET A 269 10.45 -19.72 -14.37
N VAL A 270 10.48 -21.01 -14.05
CA VAL A 270 11.20 -21.98 -14.84
C VAL A 270 10.64 -22.06 -16.24
N ARG A 271 9.32 -22.20 -16.34
CA ARG A 271 8.64 -22.29 -17.62
C ARG A 271 8.99 -21.11 -18.51
N ASN A 272 8.82 -19.91 -17.96
CA ASN A 272 8.93 -18.66 -18.71
C ASN A 272 10.35 -18.28 -19.06
N MET A 273 11.26 -18.45 -18.12
CA MET A 273 12.66 -18.18 -18.41
C MET A 273 13.13 -19.20 -19.42
N GLY A 274 12.56 -20.40 -19.34
CA GLY A 274 12.74 -21.41 -20.37
C GLY A 274 12.36 -20.89 -21.75
N ILE A 275 11.14 -20.40 -21.90
CA ILE A 275 10.71 -19.88 -23.19
C ILE A 275 11.55 -18.68 -23.65
N ALA A 276 11.80 -17.76 -22.73
CA ALA A 276 12.52 -16.53 -23.08
C ALA A 276 13.92 -16.85 -23.55
N ARG A 277 14.56 -17.76 -22.84
CA ARG A 277 15.93 -18.15 -23.17
C ARG A 277 15.95 -18.88 -24.48
N ASP A 278 15.01 -19.80 -24.61
CA ASP A 278 14.80 -20.59 -25.80
C ASP A 278 14.72 -19.70 -27.05
N LEU A 279 13.91 -18.64 -27.00
CA LEU A 279 13.67 -17.82 -28.20
C LEU A 279 14.64 -16.67 -28.37
N GLY A 280 15.58 -16.52 -27.44
CA GLY A 280 16.58 -15.48 -27.56
C GLY A 280 16.35 -14.17 -26.84
N TYR A 281 15.28 -14.08 -26.06
CA TYR A 281 14.96 -12.83 -25.39
C TYR A 281 15.86 -12.65 -24.19
N LEU A 282 16.14 -13.76 -23.52
CA LEU A 282 17.07 -13.79 -22.40
C LEU A 282 18.44 -14.27 -22.86
N LYS A 283 19.48 -13.48 -22.60
CA LYS A 283 20.84 -13.85 -22.99
C LYS A 283 21.58 -14.38 -21.77
N VAL A 284 21.87 -15.68 -21.79
CA VAL A 284 22.56 -16.30 -20.67
C VAL A 284 23.99 -16.72 -21.02
N PRO A 285 24.99 -16.18 -20.32
CA PRO A 285 26.35 -16.66 -20.57
C PRO A 285 26.55 -18.10 -20.06
N PRO A 286 27.31 -18.91 -20.81
CA PRO A 286 27.59 -20.31 -20.45
C PRO A 286 28.04 -20.50 -19.02
N GLY A 287 27.47 -21.50 -18.34
CA GLY A 287 27.89 -21.87 -17.00
C GLY A 287 27.29 -21.08 -15.85
N LEU A 288 26.41 -20.15 -16.17
CA LEU A 288 25.82 -19.31 -15.14
C LEU A 288 24.64 -20.01 -14.45
N VAL A 289 23.68 -20.46 -15.25
CA VAL A 289 22.47 -21.06 -14.71
C VAL A 289 22.66 -22.55 -14.43
N VAL A 290 22.24 -22.97 -13.24
CA VAL A 290 22.32 -24.36 -12.84
C VAL A 290 20.99 -24.81 -12.23
N ASP A 291 20.88 -26.12 -12.01
CA ASP A 291 19.73 -26.68 -11.33
C ASP A 291 19.79 -26.32 -9.85
N VAL A 292 18.62 -26.09 -9.24
CA VAL A 292 18.55 -25.71 -7.83
C VAL A 292 19.14 -26.79 -6.93
N LYS A 293 19.06 -28.04 -7.39
CA LYS A 293 19.49 -29.17 -6.58
C LYS A 293 20.99 -29.11 -6.31
N THR A 294 21.74 -28.52 -7.24
CA THR A 294 23.18 -28.40 -7.09
C THR A 294 23.58 -27.29 -6.10
N LEU A 295 22.65 -26.42 -5.74
CA LEU A 295 22.98 -25.26 -4.90
C LEU A 295 23.48 -25.68 -3.53
N ASP A 296 22.99 -26.82 -3.04
CA ASP A 296 23.47 -27.37 -1.78
C ASP A 296 24.98 -27.52 -1.79
N ASP A 297 25.51 -27.95 -2.92
CA ASP A 297 26.93 -28.23 -3.03
C ASP A 297 27.78 -26.97 -3.07
N LEU A 298 27.14 -25.84 -3.34
CA LEU A 298 27.83 -24.56 -3.50
C LEU A 298 27.97 -23.77 -2.21
N PRO A 299 29.06 -23.02 -2.08
CA PRO A 299 29.19 -22.08 -0.96
C PRO A 299 28.12 -20.99 -1.05
N ASP A 300 27.65 -20.49 0.08
CA ASP A 300 26.57 -19.51 0.10
C ASP A 300 26.84 -18.28 -0.76
N SER A 301 28.06 -17.73 -0.64
CA SER A 301 28.41 -16.52 -1.36
C SER A 301 28.47 -16.66 -2.89
N GLU A 302 28.28 -17.87 -3.40
CA GLU A 302 28.30 -18.13 -4.84
C GLU A 302 26.90 -18.43 -5.40
N VAL A 303 25.91 -18.26 -4.57
CA VAL A 303 24.56 -18.69 -4.89
C VAL A 303 23.55 -17.54 -5.06
N VAL A 304 22.84 -17.59 -6.18
CA VAL A 304 21.67 -16.75 -6.43
C VAL A 304 20.46 -17.57 -6.86
N LEU A 305 19.41 -17.54 -6.04
CA LEU A 305 18.12 -18.15 -6.38
C LEU A 305 17.19 -17.12 -6.98
N VAL A 306 16.76 -17.29 -8.22
CA VAL A 306 15.73 -16.40 -8.77
C VAL A 306 14.38 -17.10 -8.71
N CYS A 307 13.53 -16.62 -7.83
CA CYS A 307 12.32 -17.34 -7.50
C CYS A 307 11.08 -16.50 -7.71
N THR A 308 10.00 -16.96 -7.10
CA THR A 308 8.69 -16.53 -7.49
C THR A 308 7.90 -16.06 -6.26
N GLY A 309 6.89 -15.21 -6.46
CA GLY A 309 6.07 -14.76 -5.34
C GLY A 309 6.39 -13.38 -4.78
N SER A 310 6.63 -12.42 -5.65
CA SER A 310 6.97 -11.08 -5.23
C SER A 310 5.76 -10.30 -4.69
N GLN A 311 4.58 -10.92 -4.74
CA GLN A 311 3.34 -10.30 -4.31
C GLN A 311 2.72 -11.04 -3.14
N GLY A 312 3.54 -11.85 -2.47
CA GLY A 312 3.08 -12.59 -1.31
C GLY A 312 2.10 -13.70 -1.58
N GLU A 313 2.06 -14.18 -2.83
CA GLU A 313 1.20 -15.31 -3.20
C GLU A 313 1.55 -16.49 -2.31
N PRO A 314 0.60 -16.88 -1.44
CA PRO A 314 0.85 -17.82 -0.34
C PRO A 314 1.41 -19.17 -0.76
N MET A 315 1.17 -19.58 -2.00
CA MET A 315 1.67 -20.86 -2.51
C MET A 315 3.00 -20.74 -3.24
N ALA A 316 3.51 -19.52 -3.40
CA ALA A 316 4.74 -19.31 -4.14
C ALA A 316 5.99 -19.49 -3.26
N ALA A 317 7.15 -19.49 -3.89
CA ALA A 317 8.40 -19.82 -3.22
C ALA A 317 8.69 -18.89 -2.05
N LEU A 318 8.65 -17.59 -2.34
CA LEU A 318 9.03 -16.60 -1.33
C LEU A 318 8.22 -16.77 -0.07
N SER A 319 6.90 -16.83 -0.23
CA SER A 319 5.99 -17.03 0.90
C SER A 319 6.29 -18.30 1.72
N ARG A 320 6.43 -19.44 1.07
CA ARG A 320 6.67 -20.69 1.79
C ARG A 320 8.03 -20.67 2.51
N MET A 321 9.03 -20.06 1.88
CA MET A 321 10.31 -19.80 2.54
C MET A 321 10.09 -18.98 3.81
N ALA A 322 9.27 -17.94 3.72
CA ALA A 322 9.00 -17.06 4.86
C ALA A 322 8.15 -17.78 5.90
N ASN A 323 7.45 -18.83 5.49
CA ASN A 323 6.65 -19.63 6.41
C ASN A 323 7.29 -20.97 6.77
N ARG A 324 8.59 -21.08 6.51
CA ARG A 324 9.35 -22.30 6.82
C ARG A 324 8.69 -23.56 6.29
N ASP A 325 8.46 -23.58 4.98
CA ASP A 325 7.74 -24.66 4.31
C ASP A 325 8.21 -24.76 2.87
N HIS A 326 9.52 -24.74 2.69
CA HIS A 326 10.14 -24.80 1.37
C HIS A 326 11.45 -25.57 1.52
N GLN A 327 11.88 -26.24 0.46
CA GLN A 327 13.16 -26.96 0.50
C GLN A 327 14.27 -25.97 0.87
N ILE A 328 14.15 -24.75 0.35
CA ILE A 328 15.08 -23.67 0.66
C ILE A 328 14.76 -23.05 2.02
N ARG A 329 15.72 -23.10 2.93
CA ARG A 329 15.49 -22.64 4.30
C ARG A 329 16.22 -21.32 4.56
N ILE A 330 15.46 -20.27 4.83
CA ILE A 330 16.07 -18.96 5.10
C ILE A 330 16.91 -19.03 6.36
N VAL A 331 18.10 -18.43 6.31
CA VAL A 331 18.98 -18.38 7.47
C VAL A 331 19.51 -16.97 7.67
N ASN A 332 19.94 -16.68 8.90
CA ASN A 332 20.54 -15.40 9.19
C ASN A 332 21.67 -15.14 8.21
N GLY A 333 21.64 -13.96 7.60
CA GLY A 333 22.67 -13.56 6.66
C GLY A 333 22.21 -13.60 5.23
N ASP A 334 21.09 -14.28 4.94
CA ASP A 334 20.60 -14.33 3.57
C ASP A 334 20.13 -12.96 3.14
N THR A 335 20.41 -12.63 1.89
CA THR A 335 19.88 -11.43 1.29
C THR A 335 18.71 -11.78 0.39
N VAL A 336 17.54 -11.21 0.64
CA VAL A 336 16.42 -11.32 -0.30
C VAL A 336 16.09 -9.98 -0.96
N ILE A 337 15.96 -9.96 -2.28
CA ILE A 337 15.58 -8.77 -3.03
C ILE A 337 14.22 -8.97 -3.68
N LEU A 338 13.26 -8.13 -3.32
CA LEU A 338 11.96 -8.13 -3.97
C LEU A 338 12.01 -7.16 -5.13
N ALA A 339 12.59 -7.63 -6.24
CA ALA A 339 12.85 -6.81 -7.42
C ALA A 339 11.60 -6.61 -8.22
N SER A 340 10.60 -6.00 -7.59
CA SER A 340 9.27 -5.99 -8.13
C SER A 340 8.47 -4.82 -7.61
N SER A 341 7.25 -4.70 -8.11
CA SER A 341 6.31 -3.72 -7.60
C SER A 341 5.58 -4.27 -6.41
N LEU A 342 4.80 -3.39 -5.78
CA LEU A 342 3.84 -3.83 -4.78
C LEU A 342 2.47 -3.40 -5.26
N ILE A 343 1.81 -4.29 -5.99
CA ILE A 343 0.49 -4.01 -6.50
C ILE A 343 -0.47 -3.72 -5.36
N PRO A 344 -1.15 -2.58 -5.41
CA PRO A 344 -2.14 -2.19 -4.39
C PRO A 344 -3.14 -3.29 -4.10
N GLY A 345 -3.32 -3.59 -2.81
CA GLY A 345 -4.18 -4.69 -2.41
C GLY A 345 -3.37 -5.87 -1.90
N ASN A 346 -2.10 -5.94 -2.31
CA ASN A 346 -1.23 -7.04 -1.91
C ASN A 346 -0.32 -6.67 -0.76
N GLU A 347 -0.52 -5.48 -0.23
CA GLU A 347 0.35 -4.95 0.81
C GLU A 347 0.37 -5.86 2.02
N ASN A 348 -0.79 -6.39 2.40
CA ASN A 348 -0.84 -7.28 3.56
C ASN A 348 0.02 -8.52 3.33
N ALA A 349 -0.16 -9.16 2.17
CA ALA A 349 0.57 -10.38 1.81
C ALA A 349 2.08 -10.13 1.64
N VAL A 350 2.41 -9.10 0.87
CA VAL A 350 3.80 -8.73 0.69
C VAL A 350 4.47 -8.45 2.03
N TYR A 351 3.87 -7.58 2.84
CA TYR A 351 4.49 -7.21 4.10
C TYR A 351 4.57 -8.42 5.01
N ARG A 352 3.61 -9.34 4.91
CA ARG A 352 3.68 -10.53 5.75
C ARG A 352 4.90 -11.37 5.34
N VAL A 353 5.13 -11.50 4.04
CA VAL A 353 6.29 -12.22 3.56
C VAL A 353 7.58 -11.55 4.03
N ILE A 354 7.67 -10.24 3.86
CA ILE A 354 8.82 -9.48 4.34
C ILE A 354 9.06 -9.66 5.85
N ASN A 355 7.99 -9.67 6.63
CA ASN A 355 8.20 -9.83 8.06
C ASN A 355 8.68 -11.22 8.38
N GLY A 356 8.13 -12.24 7.71
CA GLY A 356 8.60 -13.59 7.92
C GLY A 356 10.08 -13.68 7.61
N LEU A 357 10.44 -13.21 6.44
CA LEU A 357 11.82 -13.23 5.99
C LEU A 357 12.72 -12.57 7.01
N THR A 358 12.30 -11.39 7.48
CA THR A 358 13.10 -10.62 8.42
C THR A 358 13.26 -11.38 9.73
N ARG A 359 12.17 -12.00 10.16
CA ARG A 359 12.16 -12.79 11.38
C ARG A 359 13.20 -13.92 11.36
N TRP A 360 13.43 -14.52 10.20
CA TRP A 360 14.35 -15.66 10.11
C TRP A 360 15.78 -15.21 9.88
N GLY A 361 15.98 -13.90 9.82
CA GLY A 361 17.33 -13.38 9.72
C GLY A 361 17.74 -12.82 8.37
N ALA A 362 16.81 -12.70 7.44
CA ALA A 362 17.15 -12.17 6.14
C ALA A 362 17.18 -10.65 6.13
N ASN A 363 18.19 -10.12 5.46
CA ASN A 363 18.22 -8.72 5.07
C ASN A 363 17.36 -8.64 3.81
N VAL A 364 16.29 -7.84 3.87
CA VAL A 364 15.35 -7.73 2.74
C VAL A 364 15.37 -6.38 2.02
N VAL A 365 15.85 -6.40 0.79
CA VAL A 365 15.88 -5.27 -0.10
C VAL A 365 14.60 -5.17 -0.90
N HIS A 366 13.95 -4.01 -0.90
CA HIS A 366 12.74 -3.87 -1.68
C HIS A 366 12.48 -2.41 -2.03
N LYS A 367 11.43 -2.19 -2.82
CA LYS A 367 11.23 -0.90 -3.47
C LYS A 367 11.07 0.19 -2.44
N GLY A 368 10.68 -0.20 -1.22
CA GLY A 368 10.61 0.71 -0.08
C GLY A 368 11.97 1.13 0.50
N ASN A 369 13.05 0.44 0.17
CA ASN A 369 14.34 0.83 0.70
C ASN A 369 15.47 0.87 -0.34
N ALA A 370 15.13 0.58 -1.58
CA ALA A 370 16.11 0.57 -2.63
C ALA A 370 15.38 0.71 -3.93
N LYS A 371 16.01 1.41 -4.88
CA LYS A 371 15.44 1.54 -6.20
C LYS A 371 15.71 0.26 -7.00
N VAL A 372 14.94 -0.78 -6.71
CA VAL A 372 15.06 -2.05 -7.42
C VAL A 372 13.87 -2.36 -8.31
N HIS A 373 13.04 -1.35 -8.57
CA HIS A 373 11.93 -1.52 -9.49
C HIS A 373 11.55 -0.23 -10.16
N VAL A 374 11.28 -0.32 -11.45
CA VAL A 374 10.65 0.80 -12.16
C VAL A 374 9.37 0.29 -12.79
N SER A 375 8.39 1.20 -12.88
CA SER A 375 7.10 0.90 -13.50
C SER A 375 7.20 0.43 -14.94
N GLY A 376 6.21 -0.36 -15.35
CA GLY A 376 6.09 -0.77 -16.74
C GLY A 376 5.34 0.22 -17.60
N HIS A 377 4.71 1.23 -16.97
CA HIS A 377 3.79 2.11 -17.67
C HIS A 377 4.25 3.55 -17.69
N ALA A 378 3.87 4.25 -18.75
CA ALA A 378 4.21 5.64 -18.97
C ALA A 378 3.68 6.49 -17.84
N SER A 379 4.52 7.37 -17.33
CA SER A 379 4.11 8.37 -16.35
C SER A 379 3.53 9.59 -17.07
N ALA A 380 3.11 10.58 -16.30
CA ALA A 380 2.49 11.78 -16.83
C ALA A 380 3.38 12.48 -17.86
N GLY A 381 4.69 12.50 -17.59
CA GLY A 381 5.67 13.07 -18.51
C GLY A 381 5.71 12.37 -19.86
N GLU A 382 5.85 11.05 -19.82
CA GLU A 382 5.84 10.28 -21.04
C GLU A 382 4.51 10.47 -21.77
N LEU A 383 3.41 10.37 -21.03
CA LEU A 383 2.12 10.52 -21.64
C LEU A 383 1.99 11.86 -22.35
N LEU A 384 2.56 12.92 -21.78
CA LEU A 384 2.52 14.20 -22.49
C LEU A 384 3.33 14.14 -23.78
N TYR A 385 4.56 13.66 -23.71
CA TYR A 385 5.35 13.42 -24.92
C TYR A 385 4.54 12.70 -26.00
N PHE A 386 3.91 11.61 -25.57
CA PHE A 386 3.15 10.72 -26.42
C PHE A 386 1.97 11.43 -27.08
N TYR A 387 1.20 12.16 -26.28
CA TYR A 387 0.01 12.82 -26.82
C TYR A 387 0.43 13.91 -27.77
N ASN A 388 1.53 14.60 -27.46
CA ASN A 388 2.06 15.60 -28.40
C ASN A 388 2.53 14.98 -29.72
N ILE A 389 2.93 13.72 -29.72
CA ILE A 389 3.29 13.09 -30.98
C ILE A 389 2.05 12.55 -31.74
N CYS A 390 1.18 11.82 -31.06
CA CYS A 390 0.00 11.23 -31.69
C CYS A 390 -1.06 12.23 -32.14
N ARG A 391 -1.25 13.29 -31.35
CA ARG A 391 -2.29 14.31 -31.57
C ARG A 391 -3.64 13.68 -31.93
N PRO A 392 -4.21 12.90 -31.01
CA PRO A 392 -5.44 12.20 -31.37
C PRO A 392 -6.62 13.16 -31.46
N LYS A 393 -7.64 12.77 -32.22
CA LYS A 393 -8.76 13.64 -32.46
C LYS A 393 -9.88 13.34 -31.46
N ASN A 394 -9.82 12.13 -30.91
CA ASN A 394 -10.63 11.72 -29.77
C ASN A 394 -9.73 10.89 -28.90
N LEU A 395 -9.88 10.99 -27.58
CA LEU A 395 -9.06 10.23 -26.66
C LEU A 395 -9.89 9.39 -25.69
N MET A 396 -9.62 8.09 -25.63
CA MET A 396 -10.16 7.22 -24.58
C MET A 396 -9.04 6.70 -23.69
N PRO A 397 -8.98 7.21 -22.47
CA PRO A 397 -8.12 6.55 -21.50
C PRO A 397 -8.64 5.14 -21.21
N VAL A 398 -7.73 4.18 -21.18
CA VAL A 398 -8.06 2.83 -20.79
C VAL A 398 -7.08 2.37 -19.74
N HIS A 399 -7.32 1.16 -19.23
CA HIS A 399 -6.40 0.47 -18.32
C HIS A 399 -6.11 1.26 -17.04
N GLY A 400 -7.16 1.51 -16.26
CA GLY A 400 -6.99 2.17 -14.99
C GLY A 400 -8.24 2.27 -14.15
N GLU A 401 -8.03 2.49 -12.84
CA GLU A 401 -9.11 2.84 -11.94
C GLU A 401 -9.63 4.23 -12.35
N TRP A 402 -10.75 4.67 -11.81
CA TRP A 402 -11.29 5.96 -12.22
C TRP A 402 -10.33 7.14 -12.04
N ARG A 403 -9.55 7.14 -10.97
CA ARG A 403 -8.59 8.21 -10.73
C ARG A 403 -7.51 8.28 -11.82
N HIS A 404 -6.99 7.10 -12.20
CA HIS A 404 -6.06 6.94 -13.33
C HIS A 404 -6.62 7.48 -14.65
N LEU A 405 -7.86 7.09 -14.98
CA LEU A 405 -8.46 7.52 -16.23
C LEU A 405 -8.62 9.02 -16.23
N ARG A 406 -9.07 9.58 -15.09
CA ARG A 406 -9.32 11.01 -15.05
C ARG A 406 -7.99 11.76 -15.17
N ALA A 407 -6.96 11.24 -14.53
CA ALA A 407 -5.63 11.80 -14.69
C ALA A 407 -5.25 11.85 -16.17
N ASN A 408 -5.36 10.70 -16.83
CA ASN A 408 -4.97 10.59 -18.22
C ASN A 408 -5.76 11.54 -19.12
N ALA A 409 -7.05 11.62 -18.85
CA ALA A 409 -7.93 12.54 -19.53
C ALA A 409 -7.42 13.97 -19.41
N GLU A 410 -7.02 14.36 -18.20
CA GLU A 410 -6.54 15.73 -17.97
C GLU A 410 -5.28 15.98 -18.79
N LEU A 411 -4.38 14.99 -18.85
CA LEU A 411 -3.14 15.15 -19.62
C LEU A 411 -3.45 15.40 -21.09
N GLY A 412 -4.31 14.54 -21.64
CA GLY A 412 -4.80 14.72 -22.99
C GLY A 412 -5.31 16.13 -23.21
N ALA A 413 -6.17 16.58 -22.30
CA ALA A 413 -6.68 17.94 -22.32
C ALA A 413 -5.56 18.97 -22.45
N LEU A 414 -4.57 18.92 -21.55
CA LEU A 414 -3.46 19.87 -21.61
C LEU A 414 -2.75 19.85 -22.96
N THR A 415 -2.63 18.69 -23.60
CA THR A 415 -1.95 18.71 -24.90
C THR A 415 -2.78 19.26 -26.06
N GLY A 416 -4.03 19.63 -25.80
CA GLY A 416 -4.84 20.24 -26.83
C GLY A 416 -5.99 19.42 -27.36
N VAL A 417 -6.18 18.22 -26.80
CA VAL A 417 -7.38 17.45 -27.11
C VAL A 417 -8.58 18.16 -26.51
N PRO A 418 -9.59 18.43 -27.33
CA PRO A 418 -10.79 19.12 -26.86
C PRO A 418 -11.54 18.28 -25.83
N HIS A 419 -12.15 18.94 -24.86
CA HIS A 419 -12.79 18.20 -23.77
C HIS A 419 -13.93 17.33 -24.29
N ASP A 420 -14.67 17.82 -25.28
CA ASP A 420 -15.81 17.08 -25.82
C ASP A 420 -15.38 15.89 -26.65
N ARG A 421 -14.08 15.80 -26.93
CA ARG A 421 -13.55 14.67 -27.68
C ARG A 421 -12.76 13.72 -26.76
N ILE A 422 -12.85 13.93 -25.45
CA ILE A 422 -12.23 13.01 -24.51
C ILE A 422 -13.30 12.24 -23.78
N VAL A 423 -13.29 10.92 -23.92
CA VAL A 423 -14.38 10.14 -23.39
C VAL A 423 -13.85 9.14 -22.39
N ILE A 424 -14.41 9.19 -21.19
CA ILE A 424 -14.05 8.26 -20.12
C ILE A 424 -15.12 7.20 -20.01
N ALA A 425 -14.72 5.95 -20.21
CA ALA A 425 -15.70 4.88 -20.26
C ALA A 425 -15.55 3.95 -19.06
N GLU A 426 -16.59 3.15 -18.83
CA GLU A 426 -16.54 2.09 -17.84
C GLU A 426 -16.73 0.78 -18.55
N ASP A 427 -16.39 -0.32 -17.88
CA ASP A 427 -16.68 -1.64 -18.41
C ASP A 427 -18.11 -1.67 -18.93
N GLY A 428 -18.27 -2.10 -20.17
CA GLY A 428 -19.59 -2.21 -20.76
C GLY A 428 -20.11 -0.96 -21.43
N VAL A 429 -19.37 0.14 -21.31
CA VAL A 429 -19.82 1.36 -21.98
C VAL A 429 -19.42 1.32 -23.46
N VAL A 430 -20.39 1.63 -24.30
CA VAL A 430 -20.25 1.56 -25.75
C VAL A 430 -19.95 2.92 -26.37
N VAL A 431 -18.81 3.03 -27.03
CA VAL A 431 -18.42 4.26 -27.69
C VAL A 431 -18.52 4.11 -29.19
N ASP A 432 -19.16 5.06 -29.86
CA ASP A 432 -19.23 4.99 -31.31
C ASP A 432 -18.39 6.09 -31.95
N LEU A 433 -17.56 5.67 -32.89
CA LEU A 433 -16.80 6.57 -33.73
C LEU A 433 -17.57 6.78 -35.04
N VAL A 434 -18.40 7.81 -35.06
CA VAL A 434 -19.22 8.15 -36.22
C VAL A 434 -18.86 9.53 -36.75
N GLU A 435 -18.52 9.57 -38.04
CA GLU A 435 -18.07 10.79 -38.73
C GLU A 435 -16.84 11.41 -38.07
N GLY A 436 -15.99 10.58 -37.49
CA GLY A 436 -14.76 11.06 -36.87
C GLY A 436 -14.88 11.60 -35.45
N LYS A 437 -16.10 11.60 -34.90
CA LYS A 437 -16.30 11.98 -33.50
C LYS A 437 -16.63 10.75 -32.64
N ALA A 438 -16.18 10.76 -31.39
CA ALA A 438 -16.48 9.67 -30.46
C ALA A 438 -17.50 10.08 -29.40
N LYS A 439 -18.56 9.29 -29.26
CA LYS A 439 -19.64 9.56 -28.33
C LYS A 439 -20.10 8.28 -27.62
N ILE A 440 -20.34 8.37 -26.32
CA ILE A 440 -21.00 7.28 -25.60
C ILE A 440 -22.45 7.13 -26.06
N THR A 441 -22.78 5.97 -26.61
CA THR A 441 -24.05 5.78 -27.29
C THR A 441 -24.95 4.73 -26.60
N GLY A 442 -24.40 4.02 -25.61
CA GLY A 442 -25.17 3.03 -24.85
C GLY A 442 -24.25 2.20 -23.96
N LYS A 443 -24.80 1.18 -23.30
CA LYS A 443 -23.97 0.27 -22.53
C LYS A 443 -24.52 -1.16 -22.55
N VAL A 444 -23.62 -2.12 -22.36
CA VAL A 444 -23.96 -3.54 -22.44
C VAL A 444 -23.61 -4.22 -21.13
N GLN A 445 -24.09 -5.44 -20.93
CA GLN A 445 -23.80 -6.15 -19.70
C GLN A 445 -22.32 -6.45 -19.62
N ALA A 446 -21.71 -6.07 -18.50
CA ALA A 446 -20.28 -6.26 -18.32
C ALA A 446 -19.94 -6.44 -16.84
N GLY A 447 -20.66 -7.32 -16.17
CA GLY A 447 -20.40 -7.61 -14.77
C GLY A 447 -19.23 -8.55 -14.60
N TYR A 448 -19.09 -9.11 -13.41
CA TYR A 448 -17.98 -10.01 -13.12
C TYR A 448 -18.38 -11.47 -13.34
N VAL A 449 -17.41 -12.28 -13.73
CA VAL A 449 -17.65 -13.69 -13.95
C VAL A 449 -16.57 -14.48 -13.20
N TYR A 450 -17.00 -15.47 -12.43
CA TYR A 450 -16.04 -16.18 -11.58
C TYR A 450 -15.71 -17.55 -12.14
N VAL A 451 -14.45 -17.95 -12.04
CA VAL A 451 -14.05 -19.24 -12.59
C VAL A 451 -13.10 -20.02 -11.67
N ASP A 452 -13.31 -21.33 -11.63
CA ASP A 452 -12.49 -22.28 -10.88
C ASP A 452 -11.63 -23.16 -11.80
N GLY A 453 -11.55 -22.77 -13.06
CA GLY A 453 -10.88 -23.57 -14.07
C GLY A 453 -11.92 -24.29 -14.91
N LEU A 454 -13.16 -24.32 -14.43
CA LEU A 454 -14.28 -24.96 -15.13
C LEU A 454 -15.45 -23.99 -15.30
N SER A 455 -15.31 -22.82 -14.67
CA SER A 455 -16.29 -21.73 -14.74
C SER A 455 -17.72 -22.18 -14.42
N SER B 2 18.59 -15.11 16.35
CA SER B 2 18.15 -13.93 15.58
C SER B 2 16.79 -13.46 16.08
N HIS B 3 16.00 -14.43 16.52
CA HIS B 3 14.65 -14.22 17.05
C HIS B 3 14.58 -14.94 18.39
N PRO B 4 13.48 -14.77 19.14
CA PRO B 4 13.33 -15.60 20.34
C PRO B 4 13.42 -17.10 20.02
N HIS B 5 14.10 -17.83 20.89
CA HIS B 5 14.21 -19.28 20.77
C HIS B 5 12.82 -19.93 20.69
N PRO B 6 12.60 -20.83 19.72
CA PRO B 6 11.28 -21.46 19.62
C PRO B 6 10.96 -22.36 20.83
N GLU B 7 11.98 -23.02 21.35
CA GLU B 7 11.78 -23.97 22.45
C GLU B 7 11.70 -23.27 23.81
N LEU B 8 11.47 -21.96 23.79
CA LEU B 8 11.29 -21.18 25.01
C LEU B 8 10.07 -21.66 25.78
N GLY B 9 10.24 -21.86 27.09
CA GLY B 9 9.14 -22.22 27.97
C GLY B 9 8.90 -21.18 29.05
N ARG B 10 8.20 -21.58 30.10
CA ARG B 10 7.83 -20.67 31.16
C ARG B 10 9.07 -20.19 31.93
N PRO B 11 9.22 -18.87 32.06
CA PRO B 11 10.31 -18.23 32.81
C PRO B 11 10.47 -18.75 34.23
N PRO B 12 11.72 -18.81 34.71
CA PRO B 12 12.03 -19.11 36.12
C PRO B 12 11.55 -18.00 37.04
N ALA B 13 11.82 -18.15 38.33
CA ALA B 13 11.49 -17.11 39.30
C ALA B 13 12.31 -15.86 38.99
N LEU B 14 11.67 -14.70 39.07
CA LEU B 14 12.39 -13.44 38.93
C LEU B 14 13.26 -13.22 40.17
N PRO B 15 14.59 -13.29 39.99
CA PRO B 15 15.55 -13.10 41.09
C PRO B 15 15.27 -11.84 41.89
N LYS B 16 15.55 -11.86 43.20
CA LYS B 16 15.44 -10.67 44.02
C LYS B 16 16.20 -9.53 43.35
N GLY B 17 15.57 -8.36 43.26
CA GLY B 17 16.18 -7.21 42.61
C GLY B 17 16.29 -7.29 41.09
N GLY B 18 15.53 -8.17 40.46
CA GLY B 18 15.47 -8.23 39.02
C GLY B 18 14.17 -7.64 38.51
N LEU B 19 14.14 -7.21 37.25
CA LEU B 19 12.91 -6.64 36.69
C LEU B 19 12.44 -7.41 35.47
N ARG B 20 11.14 -7.67 35.40
CA ARG B 20 10.61 -8.50 34.31
C ARG B 20 9.71 -7.71 33.36
N VAL B 21 10.00 -7.81 32.07
CA VAL B 21 9.33 -7.03 31.04
C VAL B 21 8.71 -7.97 30.01
N THR B 22 7.41 -7.78 29.75
CA THR B 22 6.67 -8.71 28.91
C THR B 22 5.73 -8.02 27.95
N PRO B 23 6.17 -7.82 26.71
CA PRO B 23 5.27 -7.38 25.64
C PRO B 23 4.14 -8.38 25.45
N LEU B 24 2.92 -7.94 25.70
CA LEU B 24 1.77 -8.79 25.47
C LEU B 24 1.11 -8.39 24.17
N GLY B 25 1.47 -7.20 23.68
CA GLY B 25 0.95 -6.77 22.40
C GLY B 25 1.72 -5.60 21.81
N GLY B 26 1.89 -5.62 20.50
CA GLY B 26 2.52 -4.53 19.79
C GLY B 26 3.85 -4.90 19.12
N LEU B 27 4.26 -6.15 19.28
CA LEU B 27 5.49 -6.64 18.66
C LEU B 27 5.17 -7.72 17.65
N GLY B 28 5.38 -7.42 16.37
CA GLY B 28 5.06 -8.34 15.30
C GLY B 28 3.96 -7.77 14.44
N GLU B 29 2.87 -7.39 15.10
CA GLU B 29 1.80 -6.64 14.46
C GLU B 29 1.60 -5.32 15.20
N ILE B 30 1.28 -4.26 14.46
CA ILE B 30 1.13 -2.93 15.04
C ILE B 30 -0.29 -2.69 15.52
N GLY B 31 -0.41 -2.42 16.82
CA GLY B 31 -1.70 -2.34 17.47
C GLY B 31 -1.70 -3.15 18.73
N ARG B 32 -2.85 -3.17 19.42
CA ARG B 32 -3.00 -3.79 20.75
C ARG B 32 -1.73 -3.70 21.61
N ASN B 33 -1.16 -2.51 21.69
CA ASN B 33 0.02 -2.30 22.51
C ASN B 33 -0.26 -2.51 23.98
N MET B 34 0.63 -3.25 24.61
CA MET B 34 0.52 -3.54 26.03
C MET B 34 1.80 -4.21 26.48
N THR B 35 2.36 -3.66 27.56
CA THR B 35 3.57 -4.20 28.14
C THR B 35 3.45 -4.28 29.67
N VAL B 36 3.94 -5.38 30.22
CA VAL B 36 3.78 -5.65 31.64
C VAL B 36 5.15 -5.65 32.33
N PHE B 37 5.28 -4.85 33.37
CA PHE B 37 6.51 -4.79 34.14
C PHE B 37 6.29 -5.48 35.48
N GLU B 38 7.25 -6.30 35.89
CA GLU B 38 7.13 -7.03 37.15
C GLU B 38 8.33 -6.78 38.04
N TYR B 39 8.06 -6.50 39.31
CA TYR B 39 9.13 -6.34 40.29
C TYR B 39 8.63 -6.62 41.69
N GLY B 40 9.33 -7.51 42.39
CA GLY B 40 9.02 -7.83 43.77
C GLY B 40 7.58 -8.27 43.94
N GLY B 41 7.08 -8.98 42.92
CA GLY B 41 5.74 -9.54 42.97
C GLY B 41 4.67 -8.61 42.48
N ARG B 42 5.05 -7.38 42.13
CA ARG B 42 4.07 -6.39 41.70
C ARG B 42 4.11 -6.09 40.20
N LEU B 43 2.96 -5.75 39.64
CA LEU B 43 2.82 -5.48 38.22
C LEU B 43 2.45 -4.05 37.89
N LEU B 44 3.15 -3.49 36.90
CA LEU B 44 2.77 -2.23 36.30
C LEU B 44 2.40 -2.48 34.83
N ILE B 45 1.34 -1.86 34.35
CA ILE B 45 1.01 -2.03 32.94
C ILE B 45 1.18 -0.72 32.19
N VAL B 46 1.94 -0.76 31.11
CA VAL B 46 2.03 0.39 30.21
C VAL B 46 1.27 0.11 28.92
N ASP B 47 0.25 0.93 28.72
CA ASP B 47 -0.66 0.87 27.60
C ASP B 47 -1.48 -0.41 27.60
N CYS B 48 -2.67 -0.34 27.04
CA CYS B 48 -3.51 -1.50 26.80
C CYS B 48 -4.43 -1.19 25.63
N GLY B 49 -3.95 -1.47 24.44
CA GLY B 49 -4.69 -1.13 23.25
C GLY B 49 -5.45 -2.28 22.60
N VAL B 50 -6.14 -1.93 21.52
CA VAL B 50 -6.77 -2.90 20.64
C VAL B 50 -6.01 -2.91 19.33
N LEU B 51 -5.97 -4.09 18.70
CA LEU B 51 -5.48 -4.26 17.34
C LEU B 51 -6.68 -4.39 16.41
N PHE B 52 -6.62 -3.73 15.25
CA PHE B 52 -7.69 -3.86 14.26
C PHE B 52 -7.43 -4.96 13.26
N PRO B 53 -8.45 -5.80 13.02
CA PRO B 53 -8.39 -6.93 12.08
C PRO B 53 -8.13 -6.47 10.65
N GLU B 54 -7.38 -7.30 9.90
CA GLU B 54 -7.10 -7.03 8.50
C GLU B 54 -8.35 -7.04 7.61
N GLU B 55 -9.16 -8.09 7.73
CA GLU B 55 -10.47 -8.11 7.09
C GLU B 55 -11.55 -8.42 8.12
N GLU B 56 -12.64 -7.66 8.08
CA GLU B 56 -13.75 -7.86 9.01
C GLU B 56 -14.26 -9.30 8.92
N GLN B 57 -14.74 -9.83 10.04
CA GLN B 57 -15.29 -11.17 10.07
C GLN B 57 -16.47 -11.30 11.05
N PRO B 58 -17.38 -10.29 11.05
CA PRO B 58 -18.39 -9.97 12.07
C PRO B 58 -18.47 -10.90 13.29
N GLY B 59 -18.23 -10.34 14.46
CA GLY B 59 -18.01 -11.14 15.66
C GLY B 59 -16.52 -11.02 15.93
N ILE B 60 -15.84 -10.35 14.99
CA ILE B 60 -14.40 -10.15 15.04
C ILE B 60 -14.15 -8.65 14.84
N ASP B 61 -14.78 -7.85 15.69
CA ASP B 61 -14.64 -6.40 15.60
C ASP B 61 -13.30 -5.94 16.12
N LEU B 62 -12.94 -6.40 17.32
CA LEU B 62 -11.65 -5.97 17.87
C LEU B 62 -10.76 -7.11 18.31
N ILE B 63 -9.46 -6.89 18.22
CA ILE B 63 -8.50 -7.82 18.80
C ILE B 63 -7.81 -7.20 20.02
N LEU B 64 -7.66 -8.03 21.04
CA LEU B 64 -7.07 -7.69 22.33
C LEU B 64 -5.85 -8.52 22.67
N PRO B 65 -4.99 -7.96 23.53
CA PRO B 65 -3.95 -8.73 24.23
C PRO B 65 -4.56 -9.90 25.00
N ASP B 66 -3.75 -10.92 25.24
CA ASP B 66 -4.19 -12.08 26.00
C ASP B 66 -3.87 -11.86 27.46
N PHE B 67 -4.90 -11.63 28.27
CA PHE B 67 -4.68 -11.26 29.67
C PHE B 67 -4.33 -12.46 30.55
N THR B 68 -4.15 -13.62 29.92
CA THR B 68 -3.98 -14.89 30.64
C THR B 68 -2.80 -14.88 31.62
N SER B 69 -1.72 -14.21 31.25
CA SER B 69 -0.53 -14.10 32.09
C SER B 69 -0.76 -13.30 33.37
N ILE B 70 -1.75 -12.40 33.36
CA ILE B 70 -1.97 -11.50 34.50
C ILE B 70 -3.27 -11.78 35.20
N ARG B 71 -4.13 -12.57 34.55
CA ARG B 71 -5.49 -12.79 35.02
C ARG B 71 -5.57 -13.37 36.43
N ASP B 72 -4.72 -14.37 36.71
CA ASP B 72 -4.69 -14.97 38.04
C ASP B 72 -4.07 -14.05 39.09
N ARG B 73 -3.34 -13.04 38.64
CA ARG B 73 -2.65 -12.16 39.57
C ARG B 73 -3.04 -10.69 39.41
N LEU B 74 -4.33 -10.45 39.21
CA LEU B 74 -4.87 -9.10 39.04
C LEU B 74 -4.67 -8.20 40.27
N ASP B 75 -4.71 -8.79 41.46
CA ASP B 75 -4.50 -8.02 42.68
C ASP B 75 -3.06 -7.50 42.73
N ASP B 76 -2.19 -8.03 41.87
CA ASP B 76 -0.80 -7.62 41.89
C ASP B 76 -0.59 -6.35 41.08
N ILE B 77 -1.60 -5.98 40.29
CA ILE B 77 -1.46 -4.85 39.36
C ILE B 77 -1.58 -3.50 40.06
N GLU B 78 -0.49 -2.74 40.04
CA GLU B 78 -0.43 -1.46 40.73
C GLU B 78 -1.07 -0.29 39.96
N GLY B 79 -1.32 -0.48 38.67
CA GLY B 79 -1.93 0.56 37.87
C GLY B 79 -1.60 0.42 36.40
N ILE B 80 -2.32 1.16 35.57
CA ILE B 80 -2.09 1.16 34.13
C ILE B 80 -1.63 2.55 33.64
N VAL B 81 -0.45 2.59 33.04
CA VAL B 81 0.06 3.85 32.53
C VAL B 81 -0.36 4.00 31.08
N LEU B 82 -0.99 5.12 30.77
CA LEU B 82 -1.44 5.41 29.43
C LEU B 82 -0.59 6.53 28.84
N THR B 83 0.28 6.19 27.90
CA THR B 83 1.23 7.17 27.36
C THR B 83 0.56 8.24 26.50
N HIS B 84 -0.50 7.87 25.78
CA HIS B 84 -1.27 8.82 24.98
C HIS B 84 -2.60 8.19 24.58
N GLY B 85 -3.55 9.01 24.15
CA GLY B 85 -4.91 8.55 23.95
C GLY B 85 -5.30 7.93 22.61
N HIS B 86 -4.35 7.29 21.93
CA HIS B 86 -4.69 6.57 20.71
C HIS B 86 -5.26 5.19 21.04
N GLU B 87 -6.10 4.68 20.15
CA GLU B 87 -6.85 3.46 20.41
C GLU B 87 -5.99 2.23 20.53
N ASP B 88 -4.90 2.17 19.77
CA ASP B 88 -3.98 1.04 19.87
C ASP B 88 -3.12 1.13 21.11
N HIS B 89 -3.47 2.05 22.00
CA HIS B 89 -2.85 2.16 23.31
C HIS B 89 -3.85 2.19 24.47
N ILE B 90 -5.10 2.57 24.20
CA ILE B 90 -6.08 2.70 25.28
C ILE B 90 -7.34 1.90 25.03
N GLY B 91 -7.43 1.25 23.88
CA GLY B 91 -8.66 0.62 23.43
C GLY B 91 -9.05 -0.62 24.21
N GLY B 92 -8.03 -1.33 24.70
CA GLY B 92 -8.28 -2.52 25.50
C GLY B 92 -8.68 -2.27 26.94
N VAL B 93 -8.34 -1.08 27.44
CA VAL B 93 -8.57 -0.74 28.83
C VAL B 93 -9.97 -1.07 29.36
N PRO B 94 -11.04 -0.82 28.56
CA PRO B 94 -12.34 -1.19 29.14
C PRO B 94 -12.47 -2.68 29.44
N PHE B 95 -11.83 -3.50 28.62
CA PHE B 95 -11.91 -4.96 28.78
C PHE B 95 -11.03 -5.45 29.93
N LEU B 96 -9.88 -4.82 30.11
CA LEU B 96 -9.04 -5.12 31.26
C LEU B 96 -9.71 -4.70 32.56
N LEU B 97 -10.27 -3.50 32.59
CA LEU B 97 -10.99 -2.98 33.76
C LEU B 97 -12.27 -3.76 34.05
N ARG B 98 -12.82 -4.40 33.02
CA ARG B 98 -14.00 -5.23 33.23
C ARG B 98 -13.70 -6.30 34.29
N GLU B 99 -12.48 -6.83 34.28
CA GLU B 99 -12.08 -7.90 35.19
C GLU B 99 -11.58 -7.40 36.55
N LYS B 100 -11.18 -6.13 36.61
CA LYS B 100 -10.84 -5.51 37.90
C LYS B 100 -10.93 -3.99 37.73
N PRO B 101 -12.11 -3.43 38.04
CA PRO B 101 -12.45 -2.03 37.79
C PRO B 101 -11.67 -1.03 38.63
N ASP B 102 -11.09 -1.48 39.74
CA ASP B 102 -10.46 -0.53 40.64
C ASP B 102 -8.99 -0.32 40.31
N ILE B 103 -8.55 -0.84 39.17
CA ILE B 103 -7.19 -0.55 38.72
C ILE B 103 -7.14 0.88 38.24
N PRO B 104 -6.22 1.67 38.82
CA PRO B 104 -6.18 3.09 38.46
C PRO B 104 -5.47 3.36 37.14
N LEU B 105 -6.05 4.27 36.36
CA LEU B 105 -5.44 4.72 35.11
C LEU B 105 -4.52 5.90 35.35
N ILE B 106 -3.28 5.79 34.88
CA ILE B 106 -2.33 6.89 35.03
C ILE B 106 -2.00 7.47 33.65
N GLY B 107 -2.15 8.78 33.52
CA GLY B 107 -1.88 9.43 32.26
C GLY B 107 -2.18 10.91 32.27
N SER B 108 -1.98 11.55 31.15
CA SER B 108 -2.11 12.99 31.06
C SER B 108 -3.56 13.41 30.97
N LYS B 109 -3.81 14.71 31.14
CA LYS B 109 -5.16 15.26 31.14
C LYS B 109 -5.96 14.81 29.91
N LEU B 110 -5.43 15.02 28.71
CA LEU B 110 -6.14 14.66 27.50
C LEU B 110 -6.30 13.15 27.34
N THR B 111 -5.25 12.39 27.66
CA THR B 111 -5.31 10.94 27.60
C THR B 111 -6.45 10.42 28.48
N LEU B 112 -6.51 10.94 29.71
CA LEU B 112 -7.54 10.48 30.63
C LEU B 112 -8.92 10.92 30.18
N ALA B 113 -9.02 12.14 29.64
CA ALA B 113 -10.31 12.61 29.14
C ALA B 113 -10.84 11.68 28.05
N LEU B 114 -9.96 11.27 27.14
CA LEU B 114 -10.35 10.39 26.05
C LEU B 114 -10.77 9.00 26.57
N ILE B 115 -9.91 8.37 27.38
CA ILE B 115 -10.23 7.03 27.87
C ILE B 115 -11.50 7.04 28.74
N GLU B 116 -11.74 8.15 29.44
CA GLU B 116 -12.93 8.25 30.26
C GLU B 116 -14.17 8.39 29.38
N ALA B 117 -14.02 9.11 28.28
CA ALA B 117 -15.12 9.30 27.34
C ALA B 117 -15.52 7.98 26.72
N LYS B 118 -14.53 7.17 26.36
CA LYS B 118 -14.81 5.85 25.83
C LYS B 118 -15.42 4.92 26.89
N LEU B 119 -14.87 4.97 28.11
CA LEU B 119 -15.35 4.11 29.19
C LEU B 119 -16.78 4.41 29.58
N GLN B 120 -17.24 5.64 29.31
CA GLN B 120 -18.65 5.96 29.57
C GLN B 120 -19.60 5.03 28.82
N GLU B 121 -19.18 4.58 27.65
CA GLU B 121 -19.98 3.69 26.82
C GLU B 121 -20.06 2.29 27.44
N HIS B 122 -19.06 1.96 28.24
CA HIS B 122 -19.00 0.65 28.91
C HIS B 122 -19.59 0.71 30.32
N ARG B 123 -20.19 1.86 30.67
CA ARG B 123 -20.66 2.15 32.02
C ARG B 123 -19.55 1.97 33.07
N ILE B 124 -18.39 2.57 32.81
CA ILE B 124 -17.25 2.43 33.70
C ILE B 124 -16.66 3.78 34.09
N ARG B 125 -16.49 4.02 35.38
CA ARG B 125 -15.75 5.19 35.81
C ARG B 125 -14.50 4.78 36.59
N PRO B 126 -13.32 5.02 36.00
CA PRO B 126 -12.02 4.59 36.56
C PRO B 126 -11.45 5.53 37.60
N TYR B 127 -10.50 5.01 38.40
CA TYR B 127 -9.73 5.87 39.27
C TYR B 127 -8.54 6.40 38.49
N THR B 128 -8.33 7.71 38.52
CA THR B 128 -7.24 8.26 37.72
C THR B 128 -6.21 9.00 38.55
N LEU B 129 -4.96 8.81 38.16
CA LEU B 129 -3.85 9.64 38.62
C LEU B 129 -3.38 10.50 37.45
N GLU B 130 -3.86 11.73 37.38
CA GLU B 130 -3.50 12.63 36.30
C GLU B 130 -2.07 13.11 36.47
N VAL B 131 -1.22 12.81 35.49
CA VAL B 131 0.17 13.26 35.50
C VAL B 131 0.46 14.24 34.36
N ALA B 132 1.61 14.90 34.45
CA ALA B 132 2.12 15.75 33.38
C ALA B 132 3.63 15.59 33.33
N GLU B 133 4.24 16.19 32.32
CA GLU B 133 5.71 16.17 32.21
C GLU B 133 6.32 16.73 33.49
N GLY B 134 7.39 16.09 33.94
CA GLY B 134 8.08 16.52 35.13
C GLY B 134 7.60 15.83 36.39
N HIS B 135 6.35 15.40 36.40
CA HIS B 135 5.83 14.77 37.61
C HIS B 135 6.56 13.45 37.85
N ARG B 136 6.71 13.12 39.11
CA ARG B 136 7.34 11.84 39.45
C ARG B 136 6.64 11.27 40.67
N GLU B 137 6.15 10.05 40.52
CA GLU B 137 5.27 9.45 41.50
C GLU B 137 5.66 8.02 41.78
N ARG B 138 5.42 7.55 42.99
CA ARG B 138 5.63 6.15 43.28
C ARG B 138 4.32 5.41 43.05
N VAL B 139 4.39 4.38 42.23
CA VAL B 139 3.28 3.49 41.98
C VAL B 139 3.74 2.14 42.49
N GLY B 140 3.43 1.87 43.75
CA GLY B 140 4.02 0.73 44.43
C GLY B 140 5.52 0.86 44.35
N PRO B 141 6.21 -0.25 44.04
CA PRO B 141 7.66 -0.29 43.88
C PRO B 141 8.17 0.55 42.71
N PHE B 142 7.30 0.82 41.75
CA PHE B 142 7.73 1.47 40.51
C PHE B 142 7.79 2.99 40.64
N ASP B 143 8.99 3.57 40.54
CA ASP B 143 9.17 5.02 40.63
C ASP B 143 9.08 5.66 39.24
N CYS B 144 7.91 6.19 38.90
CA CYS B 144 7.61 6.68 37.55
C CYS B 144 7.79 8.20 37.36
N GLU B 145 8.70 8.59 36.47
CA GLU B 145 8.81 9.99 36.05
C GLU B 145 8.31 10.16 34.62
N PHE B 146 7.48 11.17 34.38
CA PHE B 146 6.91 11.34 33.05
C PHE B 146 7.57 12.46 32.27
N VAL B 147 7.87 12.17 31.00
CA VAL B 147 8.58 13.07 30.12
C VAL B 147 7.72 13.45 28.92
N ALA B 148 7.71 14.73 28.56
CA ALA B 148 6.90 15.16 27.42
C ALA B 148 7.46 14.63 26.12
N VAL B 149 6.60 13.96 25.34
CA VAL B 149 6.99 13.68 23.97
C VAL B 149 5.97 14.21 22.98
N ASN B 150 6.48 14.68 21.86
CA ASN B 150 5.67 15.24 20.82
C ASN B 150 5.16 14.11 19.91
N HIS B 151 3.91 14.21 19.48
CA HIS B 151 3.30 13.14 18.71
C HIS B 151 2.22 13.67 17.78
N SER B 152 1.31 12.81 17.34
CA SER B 152 0.20 13.23 16.49
C SER B 152 -1.07 13.47 17.27
N ILE B 153 -0.94 13.41 18.59
CA ILE B 153 -2.04 13.73 19.50
C ILE B 153 -1.43 14.45 20.70
N PRO B 154 -2.03 15.57 21.13
CA PRO B 154 -1.41 16.32 22.22
C PRO B 154 -1.29 15.54 23.53
N ASP B 155 -0.41 16.02 24.42
CA ASP B 155 -0.24 15.48 25.77
C ASP B 155 0.31 14.05 25.86
N ALA B 156 1.11 13.64 24.90
CA ALA B 156 1.71 12.31 24.98
C ALA B 156 2.87 12.31 25.95
N LEU B 157 3.10 11.17 26.61
CA LEU B 157 4.17 11.02 27.60
C LEU B 157 5.03 9.79 27.40
N ALA B 158 6.33 9.93 27.62
CA ALA B 158 7.20 8.79 27.84
C ALA B 158 7.29 8.60 29.33
N VAL B 159 7.61 7.39 29.77
CA VAL B 159 7.78 7.20 31.20
C VAL B 159 9.14 6.55 31.54
N ALA B 160 9.77 7.06 32.58
CA ALA B 160 10.98 6.51 33.17
C ALA B 160 10.64 5.80 34.48
N ILE B 161 10.88 4.49 34.51
CA ILE B 161 10.47 3.63 35.59
C ILE B 161 11.71 3.17 36.34
N ARG B 162 11.92 3.75 37.51
CA ARG B 162 13.06 3.39 38.36
C ARG B 162 12.66 2.34 39.38
N THR B 163 13.42 1.26 39.38
CA THR B 163 13.35 0.23 40.41
C THR B 163 14.79 -0.02 40.86
N PRO B 164 14.97 -0.81 41.93
CA PRO B 164 16.35 -1.17 42.26
C PRO B 164 17.02 -2.03 41.19
N ALA B 165 16.26 -2.50 40.21
CA ALA B 165 16.82 -3.23 39.09
C ALA B 165 17.38 -2.28 38.04
N GLY B 166 17.07 -1.00 38.20
CA GLY B 166 17.53 -0.01 37.25
C GLY B 166 16.43 0.88 36.73
N MET B 167 16.77 1.70 35.75
CA MET B 167 15.83 2.63 35.15
C MET B 167 15.48 2.11 33.79
N VAL B 168 14.17 1.95 33.55
CA VAL B 168 13.64 1.61 32.24
C VAL B 168 12.92 2.81 31.62
N VAL B 169 13.16 3.09 30.35
CA VAL B 169 12.45 4.18 29.71
C VAL B 169 11.62 3.62 28.58
N HIS B 170 10.32 3.97 28.62
CA HIS B 170 9.34 3.63 27.61
C HIS B 170 8.96 4.92 26.89
N THR B 171 9.39 5.06 25.65
CA THR B 171 9.14 6.30 24.91
C THR B 171 7.67 6.50 24.60
N GLY B 172 6.92 5.40 24.60
CA GLY B 172 5.57 5.43 24.08
C GLY B 172 5.69 5.73 22.59
N ASP B 173 4.72 6.45 22.05
CA ASP B 173 4.80 6.87 20.67
C ASP B 173 5.36 8.27 20.60
N PHE B 174 6.30 8.49 19.69
CA PHE B 174 6.89 9.82 19.66
C PHE B 174 7.59 10.14 18.36
N LYS B 175 7.68 11.43 18.10
CA LYS B 175 8.59 11.95 17.10
C LYS B 175 9.26 13.18 17.70
N MET B 176 9.99 13.95 16.91
CA MET B 176 10.69 15.12 17.46
C MET B 176 10.49 16.34 16.58
N ASP B 177 9.24 16.71 16.39
CA ASP B 177 8.93 17.97 15.74
C ASP B 177 9.65 19.09 16.50
N GLN B 178 10.44 19.86 15.79
CA GLN B 178 11.19 20.96 16.39
C GLN B 178 10.44 22.27 16.38
N LEU B 179 9.27 22.28 15.74
CA LEU B 179 8.43 23.47 15.75
C LEU B 179 6.94 23.15 16.01
N PRO B 180 6.65 22.41 17.10
CA PRO B 180 5.29 21.96 17.40
C PRO B 180 4.30 23.13 17.56
N LEU B 181 3.03 22.87 17.23
CA LEU B 181 2.00 23.89 17.24
C LEU B 181 1.79 24.48 18.62
N ASP B 182 1.84 23.61 19.63
CA ASP B 182 1.66 24.04 21.01
C ASP B 182 2.98 24.29 21.73
N GLY B 183 4.09 24.27 20.99
CA GLY B 183 5.39 24.56 21.55
C GLY B 183 5.88 23.55 22.57
N ARG B 184 5.23 22.39 22.60
CA ARG B 184 5.60 21.33 23.52
C ARG B 184 6.55 20.37 22.81
N LEU B 185 7.83 20.49 23.12
CA LEU B 185 8.84 19.61 22.54
C LEU B 185 8.99 18.31 23.31
N THR B 186 9.32 17.25 22.58
CA THR B 186 9.91 16.08 23.18
C THR B 186 11.10 16.53 24.02
N ASP B 187 11.00 16.38 25.33
CA ASP B 187 12.01 16.93 26.25
C ASP B 187 13.37 16.24 26.20
N LEU B 188 14.26 16.72 25.34
CA LEU B 188 15.55 16.06 25.18
C LEU B 188 16.44 16.38 26.39
N HIS B 189 16.18 17.51 27.04
CA HIS B 189 16.88 17.87 28.27
C HIS B 189 16.69 16.80 29.34
N ALA B 190 15.43 16.37 29.51
CA ALA B 190 15.06 15.27 30.40
C ALA B 190 15.75 13.96 30.03
N PHE B 191 15.71 13.59 28.75
CA PHE B 191 16.29 12.32 28.33
C PHE B 191 17.81 12.35 28.51
N ALA B 192 18.38 13.54 28.41
CA ALA B 192 19.81 13.73 28.63
C ALA B 192 20.16 13.51 30.10
N ARG B 193 19.40 14.15 30.98
CA ARG B 193 19.61 13.99 32.42
C ARG B 193 19.45 12.51 32.84
N LEU B 194 18.39 11.87 32.37
CA LEU B 194 18.22 10.44 32.63
C LEU B 194 19.43 9.66 32.15
N SER B 195 19.86 9.92 30.92
CA SER B 195 21.02 9.22 30.37
C SER B 195 22.25 9.37 31.25
N GLU B 196 22.40 10.52 31.90
CA GLU B 196 23.57 10.72 32.76
C GLU B 196 23.41 9.82 33.97
N GLU B 197 22.21 9.80 34.53
CA GLU B 197 21.93 8.90 35.64
C GLU B 197 22.11 7.41 35.27
N GLY B 198 21.89 7.10 33.99
CA GLY B 198 21.94 5.72 33.53
C GLY B 198 20.59 5.14 33.11
N ILE B 199 20.42 4.96 31.80
CA ILE B 199 19.23 4.33 31.25
C ILE B 199 19.52 2.87 30.96
N ASP B 200 19.19 1.99 31.90
CA ASP B 200 19.56 0.59 31.76
C ASP B 200 18.78 -0.13 30.65
N LEU B 201 17.54 0.25 30.44
CA LEU B 201 16.74 -0.40 29.42
C LEU B 201 15.79 0.56 28.75
N LEU B 202 15.79 0.54 27.43
CA LEU B 202 15.01 1.49 26.64
C LEU B 202 14.08 0.78 25.66
N LEU B 203 12.78 1.03 25.83
CA LEU B 203 11.75 0.55 24.91
C LEU B 203 11.41 1.72 23.98
N ALA B 204 11.63 1.54 22.69
CA ALA B 204 11.51 2.65 21.76
C ALA B 204 10.66 2.32 20.54
N ASP B 205 9.79 3.27 20.20
CA ASP B 205 8.97 3.28 18.98
C ASP B 205 9.74 2.92 17.71
N SER B 206 9.31 1.86 17.03
CA SER B 206 9.99 1.38 15.84
C SER B 206 9.24 1.65 14.54
N THR B 207 8.06 2.25 14.63
CA THR B 207 7.14 2.35 13.50
C THR B 207 7.80 2.88 12.22
N ASN B 208 8.63 3.91 12.38
CA ASN B 208 9.25 4.58 11.25
C ASN B 208 10.77 4.35 11.14
N ALA B 209 11.28 3.36 11.84
CA ALA B 209 12.73 3.10 11.82
C ALA B 209 13.29 2.86 10.42
N GLU B 210 12.47 2.36 9.51
CA GLU B 210 12.92 2.08 8.14
C GLU B 210 12.93 3.31 7.22
N VAL B 211 12.15 4.31 7.58
CA VAL B 211 12.17 5.57 6.86
C VAL B 211 13.42 6.40 7.18
N PRO B 212 14.20 6.76 6.16
CA PRO B 212 15.41 7.53 6.43
C PRO B 212 15.12 9.02 6.51
N GLY B 213 16.00 9.75 7.19
CA GLY B 213 15.86 11.19 7.29
C GLY B 213 14.96 11.62 8.44
N PHE B 214 14.28 12.73 8.23
CA PHE B 214 13.49 13.36 9.29
C PHE B 214 12.05 13.66 8.87
N VAL B 215 11.13 13.60 9.81
CA VAL B 215 9.75 13.99 9.56
C VAL B 215 9.68 15.50 9.37
N PRO B 216 9.06 15.93 8.27
CA PRO B 216 8.78 17.35 8.03
C PRO B 216 7.94 17.90 9.16
N PRO B 217 8.15 19.16 9.53
CA PRO B 217 7.32 19.66 10.63
C PRO B 217 5.84 19.72 10.23
N GLU B 218 4.97 19.36 11.17
CA GLU B 218 3.53 19.46 10.98
C GLU B 218 3.10 20.82 10.40
N ARG B 219 3.78 21.88 10.78
CA ARG B 219 3.37 23.22 10.41
C ARG B 219 3.55 23.49 8.91
N ASP B 220 4.45 22.75 8.27
CA ASP B 220 4.55 22.78 6.80
C ASP B 220 3.20 22.51 6.14
N ILE B 221 2.47 21.54 6.68
CA ILE B 221 1.16 21.16 6.16
C ILE B 221 0.23 22.37 6.02
N SER B 222 0.33 23.31 6.95
CA SER B 222 -0.50 24.51 6.89
C SER B 222 -0.51 25.10 5.49
N ASN B 223 0.68 25.32 4.94
CA ASN B 223 0.77 26.02 3.67
C ASN B 223 0.09 25.26 2.56
N VAL B 224 0.28 23.94 2.55
CA VAL B 224 -0.38 23.16 1.51
C VAL B 224 -1.89 23.34 1.63
N LEU B 225 -2.43 23.21 2.86
CA LEU B 225 -3.85 23.48 3.08
C LEU B 225 -4.24 24.80 2.45
N ARG B 226 -3.48 25.85 2.77
CA ARG B 226 -3.81 27.18 2.29
C ARG B 226 -3.89 27.18 0.75
N GLN B 227 -2.93 26.55 0.08
CA GLN B 227 -2.98 26.49 -1.37
C GLN B 227 -4.32 25.91 -1.82
N VAL B 228 -4.65 24.74 -1.27
CA VAL B 228 -5.91 24.10 -1.61
C VAL B 228 -7.10 24.99 -1.31
N PHE B 229 -7.07 25.69 -0.18
CA PHE B 229 -8.19 26.55 0.20
C PHE B 229 -8.32 27.78 -0.69
N ALA B 230 -7.20 28.22 -1.26
CA ALA B 230 -7.19 29.49 -2.00
C ALA B 230 -7.61 29.30 -3.46
N ASN B 231 -7.58 28.05 -3.93
CA ASN B 231 -7.86 27.72 -5.31
C ASN B 231 -9.14 26.91 -5.43
N ALA B 232 -9.82 26.73 -4.30
CA ALA B 232 -11.04 25.94 -4.24
C ALA B 232 -12.27 26.79 -4.46
N ARG B 233 -13.01 26.49 -5.52
CA ARG B 233 -14.12 27.32 -5.94
C ARG B 233 -15.42 27.01 -5.19
N LYS B 234 -15.67 25.73 -4.92
CA LYS B 234 -16.88 25.31 -4.22
C LYS B 234 -16.58 24.74 -2.83
N ARG B 235 -17.27 23.66 -2.47
CA ARG B 235 -17.17 23.08 -1.14
C ARG B 235 -15.82 22.43 -0.86
N ILE B 236 -15.38 22.45 0.41
CA ILE B 236 -14.21 21.68 0.82
C ILE B 236 -14.56 20.65 1.89
N ILE B 237 -14.08 19.42 1.72
CA ILE B 237 -14.27 18.36 2.71
C ILE B 237 -12.93 17.79 3.15
N VAL B 238 -12.59 17.89 4.43
CA VAL B 238 -11.35 17.32 4.92
C VAL B 238 -11.61 16.13 5.83
N ALA B 239 -11.02 15.01 5.51
CA ALA B 239 -11.10 13.85 6.38
C ALA B 239 -9.80 13.72 7.16
N SER B 240 -9.91 13.41 8.44
CA SER B 240 -8.75 13.25 9.28
C SER B 240 -9.08 12.31 10.42
N PHE B 241 -8.05 11.76 11.05
CA PHE B 241 -8.25 11.00 12.29
C PHE B 241 -8.95 11.91 13.30
N ALA B 242 -9.82 11.35 14.13
CA ALA B 242 -10.61 12.17 15.05
C ALA B 242 -9.79 12.64 16.27
N SER B 243 -8.54 12.21 16.35
CA SER B 243 -7.69 12.54 17.48
C SER B 243 -6.59 13.54 17.11
N HIS B 244 -6.36 13.74 15.82
CA HIS B 244 -5.29 14.63 15.37
C HIS B 244 -5.67 16.10 15.57
N VAL B 245 -5.62 16.54 16.82
CA VAL B 245 -6.04 17.87 17.19
C VAL B 245 -5.28 18.96 16.43
N HIS B 246 -3.96 18.82 16.28
CA HIS B 246 -3.19 19.87 15.61
C HIS B 246 -3.48 19.95 14.09
N ARG B 247 -3.60 18.80 13.43
CA ARG B 247 -4.03 18.78 12.03
C ARG B 247 -5.36 19.55 11.88
N ILE B 248 -6.32 19.21 12.73
CA ILE B 248 -7.63 19.83 12.72
C ILE B 248 -7.51 21.33 12.92
N GLN B 249 -6.63 21.68 13.86
CA GLN B 249 -6.32 23.06 14.17
C GLN B 249 -5.90 23.80 12.91
N GLN B 250 -5.00 23.20 12.15
CA GLN B 250 -4.50 23.85 10.94
C GLN B 250 -5.61 24.05 9.92
N ILE B 251 -6.51 23.06 9.84
CA ILE B 251 -7.72 23.19 9.03
C ILE B 251 -8.59 24.39 9.45
N LEU B 252 -8.93 24.48 10.73
CA LEU B 252 -9.65 25.64 11.24
C LEU B 252 -8.94 26.97 10.92
N ASP B 253 -7.62 27.00 11.07
CA ASP B 253 -6.86 28.20 10.73
C ASP B 253 -7.07 28.60 9.26
N ALA B 254 -6.89 27.64 8.36
CA ALA B 254 -7.12 27.89 6.93
C ALA B 254 -8.55 28.37 6.66
N ALA B 255 -9.52 27.67 7.22
CA ALA B 255 -10.93 28.03 7.07
C ALA B 255 -11.23 29.46 7.53
N HIS B 256 -10.72 29.84 8.68
CA HIS B 256 -10.90 31.20 9.20
C HIS B 256 -10.27 32.20 8.24
N GLU B 257 -9.06 31.88 7.81
CA GLU B 257 -8.29 32.76 6.93
C GLU B 257 -8.95 33.04 5.57
N TYR B 258 -9.71 32.07 5.05
CA TYR B 258 -10.26 32.18 3.71
C TYR B 258 -11.77 32.36 3.77
N GLY B 259 -12.24 32.86 4.90
CA GLY B 259 -13.62 33.25 5.06
C GLY B 259 -14.61 32.12 4.85
N ARG B 260 -14.24 30.94 5.33
CA ARG B 260 -15.16 29.82 5.30
C ARG B 260 -15.63 29.50 6.71
N ARG B 261 -16.60 28.60 6.81
CA ARG B 261 -17.05 28.14 8.11
C ARG B 261 -17.03 26.61 8.15
N VAL B 262 -16.96 26.06 9.36
CA VAL B 262 -16.63 24.67 9.55
C VAL B 262 -17.69 23.89 10.32
N ALA B 263 -18.06 22.74 9.78
CA ALA B 263 -18.85 21.79 10.56
C ALA B 263 -18.10 20.48 10.66
N PHE B 264 -18.12 19.89 11.85
CA PHE B 264 -17.59 18.55 12.03
C PHE B 264 -18.66 17.52 11.67
N VAL B 265 -18.26 16.47 10.97
CA VAL B 265 -19.18 15.44 10.55
C VAL B 265 -18.66 14.08 10.98
N GLY B 266 -19.35 13.44 11.91
CA GLY B 266 -18.87 12.16 12.43
C GLY B 266 -18.80 12.12 13.93
N ARG B 267 -19.33 11.05 14.51
CA ARG B 267 -19.51 10.96 15.95
C ARG B 267 -18.19 11.13 16.71
N SER B 268 -17.17 10.37 16.30
CA SER B 268 -15.88 10.39 17.00
C SER B 268 -15.21 11.75 16.87
N MET B 269 -15.30 12.32 15.68
CA MET B 269 -14.80 13.67 15.40
C MET B 269 -15.48 14.69 16.29
N VAL B 270 -16.81 14.80 16.15
CA VAL B 270 -17.60 15.72 16.96
C VAL B 270 -17.28 15.60 18.47
N ARG B 271 -17.19 14.36 18.94
CA ARG B 271 -16.95 14.11 20.35
C ARG B 271 -15.56 14.58 20.78
N ASN B 272 -14.53 14.05 20.11
CA ASN B 272 -13.15 14.35 20.47
C ASN B 272 -12.85 15.83 20.33
N MET B 273 -13.40 16.45 19.29
CA MET B 273 -13.18 17.86 19.10
C MET B 273 -13.89 18.67 20.17
N GLY B 274 -15.06 18.20 20.61
CA GLY B 274 -15.69 18.79 21.77
C GLY B 274 -14.75 18.75 22.97
N ILE B 275 -14.14 17.59 23.20
CA ILE B 275 -13.24 17.44 24.33
C ILE B 275 -12.05 18.39 24.22
N ALA B 276 -11.39 18.37 23.05
CA ALA B 276 -10.20 19.18 22.84
C ALA B 276 -10.51 20.67 22.94
N ARG B 277 -11.70 21.05 22.50
CA ARG B 277 -12.09 22.43 22.60
C ARG B 277 -12.26 22.80 24.07
N ASP B 278 -13.03 22.00 24.79
CA ASP B 278 -13.38 22.30 26.18
C ASP B 278 -12.16 22.27 27.11
N LEU B 279 -11.19 21.42 26.78
CA LEU B 279 -10.00 21.31 27.59
C LEU B 279 -8.91 22.28 27.18
N GLY B 280 -9.11 23.00 26.07
CA GLY B 280 -8.17 24.03 25.67
C GLY B 280 -7.07 23.64 24.72
N TYR B 281 -7.04 22.37 24.29
CA TYR B 281 -6.08 21.89 23.29
C TYR B 281 -6.42 22.31 21.87
N LEU B 282 -7.68 22.66 21.63
CA LEU B 282 -8.13 23.07 20.31
C LEU B 282 -8.67 24.48 20.37
N LYS B 283 -8.01 25.40 19.66
CA LYS B 283 -8.33 26.83 19.75
C LYS B 283 -9.26 27.26 18.63
N VAL B 284 -10.51 27.57 18.99
CA VAL B 284 -11.56 27.77 18.01
C VAL B 284 -12.18 29.16 18.07
N PRO B 285 -11.88 29.98 17.05
CA PRO B 285 -12.39 31.36 16.92
C PRO B 285 -13.91 31.40 17.00
N PRO B 286 -14.45 32.35 17.76
CA PRO B 286 -15.90 32.48 17.91
C PRO B 286 -16.62 32.54 16.55
N GLY B 287 -17.64 31.71 16.41
CA GLY B 287 -18.49 31.71 15.22
C GLY B 287 -17.97 30.94 14.03
N LEU B 288 -16.82 30.29 14.17
CA LEU B 288 -16.18 29.59 13.06
C LEU B 288 -16.75 28.18 12.88
N VAL B 289 -16.91 27.45 13.97
CA VAL B 289 -17.49 26.12 13.93
C VAL B 289 -19.00 26.16 14.12
N VAL B 290 -19.72 25.55 13.18
CA VAL B 290 -21.17 25.58 13.19
C VAL B 290 -21.75 24.18 12.98
N ASP B 291 -23.07 24.08 13.07
CA ASP B 291 -23.77 22.83 12.83
C ASP B 291 -23.88 22.56 11.32
N VAL B 292 -24.02 21.28 10.95
CA VAL B 292 -24.10 20.91 9.53
C VAL B 292 -25.29 21.54 8.81
N LYS B 293 -26.34 21.83 9.58
CA LYS B 293 -27.56 22.40 9.02
C LYS B 293 -27.33 23.82 8.50
N THR B 294 -26.49 24.57 9.21
CA THR B 294 -26.17 25.93 8.82
C THR B 294 -25.44 26.00 7.47
N LEU B 295 -24.76 24.92 7.10
CA LEU B 295 -24.00 24.90 5.85
C LEU B 295 -24.91 24.69 4.63
N ASP B 296 -26.14 24.27 4.88
CA ASP B 296 -27.09 24.11 3.79
C ASP B 296 -27.62 25.49 3.38
N ASP B 297 -27.59 26.43 4.31
CA ASP B 297 -27.97 27.81 4.02
C ASP B 297 -26.85 28.54 3.28
N LEU B 298 -25.61 28.17 3.60
CA LEU B 298 -24.44 28.88 3.11
C LEU B 298 -24.08 28.51 1.67
N PRO B 299 -23.41 29.44 0.95
CA PRO B 299 -22.92 29.12 -0.39
C PRO B 299 -21.73 28.17 -0.30
N ASP B 300 -21.55 27.36 -1.33
CA ASP B 300 -20.50 26.35 -1.35
C ASP B 300 -19.12 26.91 -0.98
N SER B 301 -18.76 28.04 -1.55
CA SER B 301 -17.42 28.61 -1.39
C SER B 301 -17.09 29.02 0.04
N GLU B 302 -18.08 28.94 0.93
CA GLU B 302 -17.89 29.34 2.33
C GLU B 302 -18.04 28.14 3.27
N VAL B 303 -17.78 26.96 2.76
CA VAL B 303 -18.10 25.73 3.46
C VAL B 303 -16.92 24.74 3.56
N VAL B 304 -16.63 24.33 4.78
CA VAL B 304 -15.65 23.29 5.06
C VAL B 304 -16.24 22.24 5.99
N LEU B 305 -16.35 21.01 5.53
CA LEU B 305 -16.74 19.90 6.38
C LEU B 305 -15.49 19.20 6.89
N VAL B 306 -15.42 18.95 8.19
CA VAL B 306 -14.35 18.10 8.69
C VAL B 306 -14.98 16.80 9.15
N CYS B 307 -14.46 15.69 8.65
CA CYS B 307 -15.14 14.44 8.80
C CYS B 307 -14.21 13.28 9.04
N THR B 308 -14.81 12.14 9.36
CA THR B 308 -14.08 10.88 9.54
C THR B 308 -14.03 10.05 8.26
N GLY B 309 -13.19 9.02 8.26
CA GLY B 309 -13.17 8.04 7.19
C GLY B 309 -11.94 8.04 6.32
N SER B 310 -10.85 8.58 6.84
CA SER B 310 -9.64 8.80 6.07
C SER B 310 -8.92 7.49 5.74
N GLN B 311 -9.34 6.41 6.39
CA GLN B 311 -8.79 5.08 6.15
C GLN B 311 -9.78 4.23 5.36
N GLY B 312 -10.88 4.87 4.96
CA GLY B 312 -11.89 4.20 4.17
C GLY B 312 -12.79 3.31 5.00
N GLU B 313 -12.78 3.51 6.31
CA GLU B 313 -13.71 2.84 7.20
C GLU B 313 -15.12 2.95 6.60
N PRO B 314 -15.79 1.80 6.43
CA PRO B 314 -16.94 1.70 5.53
C PRO B 314 -18.21 2.36 6.07
N MET B 315 -18.32 2.52 7.39
CA MET B 315 -19.50 3.15 7.96
C MET B 315 -19.21 4.62 8.28
N ALA B 316 -18.09 5.12 7.78
CA ALA B 316 -17.66 6.48 8.07
C ALA B 316 -18.17 7.48 7.05
N ALA B 317 -18.06 8.77 7.39
CA ALA B 317 -18.57 9.87 6.58
C ALA B 317 -18.09 9.83 5.14
N LEU B 318 -16.77 9.78 4.97
CA LEU B 318 -16.15 9.83 3.66
C LEU B 318 -16.66 8.74 2.72
N SER B 319 -16.55 7.49 3.16
CA SER B 319 -16.92 6.33 2.36
C SER B 319 -18.38 6.35 1.94
N ARG B 320 -19.25 6.69 2.89
CA ARG B 320 -20.66 6.81 2.60
C ARG B 320 -20.96 7.93 1.61
N MET B 321 -20.24 9.04 1.71
CA MET B 321 -20.41 10.12 0.73
C MET B 321 -20.03 9.61 -0.65
N ALA B 322 -19.00 8.77 -0.67
CA ALA B 322 -18.41 8.30 -1.92
C ALA B 322 -19.24 7.18 -2.56
N ASN B 323 -20.02 6.48 -1.75
CA ASN B 323 -20.98 5.50 -2.27
C ASN B 323 -22.39 6.07 -2.26
N ARG B 324 -22.49 7.39 -2.41
CA ARG B 324 -23.77 8.09 -2.51
C ARG B 324 -24.72 7.84 -1.34
N ASP B 325 -24.19 7.44 -0.19
CA ASP B 325 -25.00 7.05 0.95
C ASP B 325 -24.87 8.03 2.13
N HIS B 326 -24.92 9.34 1.85
CA HIS B 326 -24.73 10.34 2.90
C HIS B 326 -25.60 11.56 2.69
N GLN B 327 -25.94 12.25 3.78
CA GLN B 327 -26.69 13.51 3.73
C GLN B 327 -25.97 14.51 2.82
N ILE B 328 -24.66 14.38 2.74
CA ILE B 328 -23.84 15.20 1.86
C ILE B 328 -23.67 14.52 0.52
N ARG B 329 -24.01 15.23 -0.55
CA ARG B 329 -23.88 14.66 -1.88
C ARG B 329 -22.69 15.28 -2.60
N ILE B 330 -21.69 14.45 -2.89
CA ILE B 330 -20.53 14.91 -3.65
C ILE B 330 -20.93 15.41 -5.03
N VAL B 331 -20.47 16.61 -5.38
CA VAL B 331 -20.74 17.16 -6.70
C VAL B 331 -19.45 17.56 -7.42
N ASN B 332 -19.57 17.80 -8.72
CA ASN B 332 -18.44 18.19 -9.53
C ASN B 332 -17.91 19.55 -9.09
N GLY B 333 -16.62 19.61 -8.74
CA GLY B 333 -16.03 20.86 -8.29
C GLY B 333 -15.79 20.88 -6.79
N ASP B 334 -16.25 19.82 -6.12
CA ASP B 334 -15.97 19.63 -4.72
C ASP B 334 -14.50 19.26 -4.52
N THR B 335 -13.84 19.88 -3.54
CA THR B 335 -12.48 19.50 -3.17
C THR B 335 -12.49 18.62 -1.93
N VAL B 336 -11.83 17.48 -1.99
CA VAL B 336 -11.77 16.58 -0.84
C VAL B 336 -10.32 16.28 -0.47
N ILE B 337 -9.96 16.58 0.76
CA ILE B 337 -8.59 16.40 1.26
C ILE B 337 -8.53 15.28 2.28
N LEU B 338 -7.70 14.28 2.03
CA LEU B 338 -7.47 13.25 3.00
C LEU B 338 -6.19 13.57 3.79
N ALA B 339 -6.31 14.49 4.74
CA ALA B 339 -5.16 14.94 5.55
C ALA B 339 -4.81 13.89 6.58
N SER B 340 -4.19 12.81 6.10
CA SER B 340 -4.03 11.61 6.89
C SER B 340 -3.06 10.66 6.22
N SER B 341 -2.58 9.69 6.99
CA SER B 341 -1.74 8.64 6.45
C SER B 341 -2.61 7.63 5.75
N LEU B 342 -1.92 6.70 5.11
CA LEU B 342 -2.55 5.53 4.54
C LEU B 342 -1.94 4.33 5.22
N ILE B 343 -2.55 3.92 6.33
CA ILE B 343 -2.05 2.78 7.08
C ILE B 343 -2.12 1.53 6.24
N PRO B 344 -0.99 0.82 6.13
CA PRO B 344 -0.82 -0.43 5.37
C PRO B 344 -1.91 -1.44 5.67
N GLY B 345 -2.55 -1.95 4.61
CA GLY B 345 -3.67 -2.86 4.76
C GLY B 345 -4.96 -2.17 4.35
N ASN B 346 -4.97 -0.85 4.47
CA ASN B 346 -6.17 -0.09 4.19
C ASN B 346 -6.18 0.51 2.79
N GLU B 347 -5.17 0.17 1.99
CA GLU B 347 -5.06 0.67 0.62
C GLU B 347 -6.30 0.42 -0.23
N ASN B 348 -6.87 -0.78 -0.14
CA ASN B 348 -8.05 -1.08 -0.93
C ASN B 348 -9.20 -0.15 -0.58
N ALA B 349 -9.44 0.03 0.71
CA ALA B 349 -10.56 0.85 1.16
C ALA B 349 -10.35 2.30 0.76
N VAL B 350 -9.13 2.78 0.96
CA VAL B 350 -8.86 4.18 0.67
C VAL B 350 -9.03 4.41 -0.81
N TYR B 351 -8.35 3.60 -1.61
CA TYR B 351 -8.45 3.76 -3.05
C TYR B 351 -9.88 3.58 -3.57
N ARG B 352 -10.67 2.75 -2.90
CA ARG B 352 -12.10 2.63 -3.22
C ARG B 352 -12.80 3.97 -3.04
N VAL B 353 -12.53 4.60 -1.90
CA VAL B 353 -13.11 5.90 -1.58
C VAL B 353 -12.63 6.97 -2.55
N ILE B 354 -11.35 6.92 -2.88
CA ILE B 354 -10.76 7.90 -3.77
C ILE B 354 -11.37 7.77 -5.17
N ASN B 355 -11.42 6.55 -5.69
CA ASN B 355 -12.07 6.29 -6.97
C ASN B 355 -13.49 6.81 -6.95
N GLY B 356 -14.25 6.41 -5.94
CA GLY B 356 -15.61 6.88 -5.80
C GLY B 356 -15.76 8.38 -5.90
N LEU B 357 -15.02 9.10 -5.07
CA LEU B 357 -15.11 10.56 -5.01
C LEU B 357 -14.70 11.19 -6.34
N THR B 358 -13.73 10.58 -7.00
CA THR B 358 -13.29 11.02 -8.31
C THR B 358 -14.38 10.88 -9.36
N ARG B 359 -15.05 9.73 -9.35
CA ARG B 359 -16.12 9.43 -10.28
C ARG B 359 -17.23 10.47 -10.21
N TRP B 360 -17.57 10.91 -9.00
CA TRP B 360 -18.63 11.90 -8.81
C TRP B 360 -18.13 13.33 -9.03
N GLY B 361 -16.90 13.46 -9.52
CA GLY B 361 -16.35 14.75 -9.91
C GLY B 361 -15.68 15.56 -8.82
N ALA B 362 -15.24 14.91 -7.75
CA ALA B 362 -14.46 15.61 -6.73
C ALA B 362 -13.00 15.67 -7.14
N ASN B 363 -12.36 16.79 -6.82
CA ASN B 363 -10.91 16.86 -6.87
C ASN B 363 -10.34 16.34 -5.54
N VAL B 364 -9.65 15.22 -5.59
CA VAL B 364 -9.15 14.58 -4.38
C VAL B 364 -7.67 14.90 -4.14
N VAL B 365 -7.40 15.67 -3.10
CA VAL B 365 -6.07 15.93 -2.59
C VAL B 365 -5.70 14.93 -1.49
N HIS B 366 -4.58 14.24 -1.64
CA HIS B 366 -4.16 13.25 -0.64
C HIS B 366 -2.64 13.11 -0.68
N LYS B 367 -2.09 12.30 0.22
CA LYS B 367 -0.64 12.32 0.43
C LYS B 367 0.11 11.84 -0.82
N GLY B 368 -0.61 11.14 -1.70
CA GLY B 368 -0.08 10.76 -3.00
C GLY B 368 0.22 11.93 -3.93
N ASN B 369 -0.51 13.04 -3.80
CA ASN B 369 -0.29 14.19 -4.69
C ASN B 369 -0.05 15.51 -3.99
N ALA B 370 0.04 15.48 -2.66
CA ALA B 370 0.29 16.70 -1.88
C ALA B 370 0.80 16.33 -0.51
N LYS B 371 1.58 17.23 0.09
CA LYS B 371 2.10 17.01 1.44
C LYS B 371 1.10 17.48 2.50
N VAL B 372 0.05 16.69 2.70
CA VAL B 372 -1.00 17.05 3.65
C VAL B 372 -0.95 16.13 4.86
N HIS B 373 0.10 15.33 4.92
CA HIS B 373 0.35 14.50 6.08
C HIS B 373 1.84 14.36 6.37
N VAL B 374 2.19 14.47 7.65
CA VAL B 374 3.48 13.99 8.13
C VAL B 374 3.23 12.90 9.15
N SER B 375 4.13 11.92 9.21
CA SER B 375 4.06 10.86 10.21
C SER B 375 4.08 11.38 11.64
N GLY B 376 3.64 10.55 12.57
CA GLY B 376 3.70 10.93 13.97
C GLY B 376 4.79 10.20 14.73
N HIS B 377 5.61 9.45 14.01
CA HIS B 377 6.68 8.69 14.63
C HIS B 377 8.04 9.07 14.15
N ALA B 378 8.98 9.08 15.09
CA ALA B 378 10.38 9.33 14.80
C ALA B 378 10.84 8.50 13.62
N SER B 379 11.47 9.20 12.68
CA SER B 379 12.13 8.55 11.57
C SER B 379 13.50 8.04 12.03
N ALA B 380 14.27 7.48 11.10
CA ALA B 380 15.57 6.94 11.48
C ALA B 380 16.54 8.04 11.89
N GLY B 381 16.44 9.20 11.25
CA GLY B 381 17.30 10.32 11.61
C GLY B 381 17.04 10.70 13.04
N GLU B 382 15.76 10.82 13.34
CA GLU B 382 15.33 11.20 14.67
C GLU B 382 15.74 10.13 15.66
N LEU B 383 15.55 8.87 15.30
CA LEU B 383 15.90 7.81 16.23
C LEU B 383 17.41 7.83 16.53
N LEU B 384 18.22 8.20 15.54
CA LEU B 384 19.66 8.28 15.82
C LEU B 384 19.94 9.40 16.81
N TYR B 385 19.35 10.58 16.61
CA TYR B 385 19.47 11.64 17.61
C TYR B 385 19.09 11.15 18.99
N PHE B 386 17.97 10.43 19.04
CA PHE B 386 17.36 10.08 20.31
C PHE B 386 18.24 9.08 21.07
N TYR B 387 18.76 8.08 20.37
CA TYR B 387 19.68 7.11 20.99
C TYR B 387 21.01 7.73 21.36
N ASN B 388 21.54 8.60 20.50
CA ASN B 388 22.72 9.37 20.86
C ASN B 388 22.53 10.20 22.16
N ILE B 389 21.33 10.74 22.40
CA ILE B 389 21.05 11.45 23.64
C ILE B 389 20.93 10.48 24.81
N CYS B 390 20.21 9.39 24.56
CA CYS B 390 19.80 8.46 25.62
C CYS B 390 20.88 7.48 26.06
N ARG B 391 21.70 7.03 25.11
CA ARG B 391 22.83 6.14 25.42
C ARG B 391 22.43 4.97 26.32
N PRO B 392 21.50 4.13 25.87
CA PRO B 392 21.02 3.10 26.79
C PRO B 392 21.97 1.90 26.86
N LYS B 393 21.91 1.15 27.96
CA LYS B 393 22.77 -0.01 28.15
C LYS B 393 22.18 -1.25 27.49
N ASN B 394 20.86 -1.35 27.47
CA ASN B 394 20.16 -2.38 26.70
C ASN B 394 19.06 -1.72 25.90
N LEU B 395 18.81 -2.21 24.70
CA LEU B 395 17.79 -1.63 23.84
C LEU B 395 16.80 -2.69 23.44
N MET B 396 15.55 -2.31 23.48
CA MET B 396 14.48 -3.22 23.16
C MET B 396 13.51 -2.48 22.28
N PRO B 397 13.69 -2.63 20.95
CA PRO B 397 12.75 -2.04 20.00
C PRO B 397 11.36 -2.58 20.28
N VAL B 398 10.39 -1.74 20.04
CA VAL B 398 9.05 -2.00 20.52
C VAL B 398 8.11 -1.36 19.50
N HIS B 399 6.84 -1.74 19.52
CA HIS B 399 5.84 -1.10 18.67
C HIS B 399 6.15 -1.19 17.17
N GLY B 400 6.28 -2.40 16.64
CA GLY B 400 6.47 -2.58 15.22
C GLY B 400 6.26 -3.98 14.70
N GLU B 401 6.17 -4.11 13.38
CA GLU B 401 6.30 -5.41 12.74
C GLU B 401 7.77 -5.76 12.77
N TRP B 402 8.13 -6.96 12.35
CA TRP B 402 9.50 -7.43 12.51
C TRP B 402 10.51 -6.59 11.74
N ARG B 403 10.12 -6.15 10.54
CA ARG B 403 11.00 -5.31 9.76
C ARG B 403 11.29 -4.00 10.48
N HIS B 404 10.24 -3.45 11.10
CA HIS B 404 10.37 -2.23 11.90
C HIS B 404 11.33 -2.41 13.07
N LEU B 405 11.16 -3.53 13.79
CA LEU B 405 11.96 -3.79 14.99
C LEU B 405 13.40 -3.98 14.61
N ARG B 406 13.63 -4.72 13.53
CA ARG B 406 14.98 -4.98 13.07
C ARG B 406 15.67 -3.68 12.68
N ALA B 407 14.96 -2.85 11.91
CA ALA B 407 15.49 -1.54 11.50
C ALA B 407 15.91 -0.71 12.70
N ASN B 408 15.03 -0.68 13.70
CA ASN B 408 15.27 0.10 14.91
C ASN B 408 16.50 -0.43 15.62
N ALA B 409 16.61 -1.76 15.60
CA ALA B 409 17.71 -2.42 16.28
C ALA B 409 19.03 -2.03 15.62
N GLU B 410 19.03 -1.98 14.28
CA GLU B 410 20.25 -1.65 13.56
C GLU B 410 20.65 -0.21 13.86
N LEU B 411 19.68 0.70 13.93
CA LEU B 411 20.04 2.08 14.30
C LEU B 411 20.70 2.15 15.68
N GLY B 412 20.08 1.48 16.63
CA GLY B 412 20.67 1.38 17.97
C GLY B 412 22.09 0.86 17.89
N ALA B 413 22.30 -0.16 17.08
CA ALA B 413 23.63 -0.75 16.95
C ALA B 413 24.62 0.27 16.40
N LEU B 414 24.22 1.00 15.37
CA LEU B 414 25.07 2.06 14.83
C LEU B 414 25.53 3.08 15.88
N THR B 415 24.66 3.41 16.83
CA THR B 415 25.07 4.42 17.82
C THR B 415 25.89 3.89 19.00
N GLY B 416 26.24 2.61 18.99
CA GLY B 416 27.15 2.09 20.01
C GLY B 416 26.61 1.06 21.00
N VAL B 417 25.30 0.81 21.01
CA VAL B 417 24.75 -0.28 21.83
C VAL B 417 25.28 -1.60 21.35
N PRO B 418 25.92 -2.38 22.25
CA PRO B 418 26.43 -3.73 21.94
C PRO B 418 25.34 -4.65 21.42
N HIS B 419 25.63 -5.49 20.42
CA HIS B 419 24.59 -6.33 19.81
C HIS B 419 23.92 -7.24 20.83
N ASP B 420 24.69 -7.75 21.78
CA ASP B 420 24.16 -8.65 22.81
C ASP B 420 23.20 -7.93 23.74
N ARG B 421 23.30 -6.61 23.79
CA ARG B 421 22.42 -5.81 24.65
C ARG B 421 21.20 -5.29 23.89
N ILE B 422 21.09 -5.68 22.62
CA ILE B 422 19.90 -5.38 21.83
C ILE B 422 19.06 -6.64 21.81
N VAL B 423 17.80 -6.51 22.19
CA VAL B 423 16.95 -7.67 22.38
C VAL B 423 15.62 -7.47 21.66
N ILE B 424 15.37 -8.28 20.65
CA ILE B 424 14.10 -8.22 19.95
C ILE B 424 13.13 -9.29 20.44
N ALA B 425 11.99 -8.85 20.95
CA ALA B 425 10.98 -9.76 21.46
C ALA B 425 9.80 -9.82 20.51
N GLU B 426 8.89 -10.75 20.78
CA GLU B 426 7.60 -10.76 20.13
C GLU B 426 6.60 -10.77 21.25
N ASP B 427 5.32 -10.74 20.92
CA ASP B 427 4.31 -10.86 21.95
C ASP B 427 4.47 -12.17 22.73
N GLY B 428 4.50 -12.07 24.05
CA GLY B 428 4.60 -13.22 24.91
C GLY B 428 5.99 -13.39 25.49
N VAL B 429 6.96 -12.78 24.82
CA VAL B 429 8.36 -13.00 25.16
C VAL B 429 8.73 -12.24 26.42
N VAL B 430 9.22 -12.96 27.42
CA VAL B 430 9.56 -12.28 28.66
C VAL B 430 11.07 -12.12 28.78
N VAL B 431 11.41 -10.90 29.20
CA VAL B 431 12.76 -10.37 29.21
C VAL B 431 13.13 -9.91 30.60
N ASP B 432 14.26 -10.38 31.13
CA ASP B 432 14.66 -10.00 32.49
C ASP B 432 15.84 -9.04 32.49
N LEU B 433 15.83 -8.15 33.47
CA LEU B 433 16.91 -7.22 33.70
C LEU B 433 17.47 -7.52 35.09
N VAL B 434 18.57 -8.28 35.10
CA VAL B 434 19.29 -8.60 36.33
C VAL B 434 20.75 -8.19 36.16
N GLU B 435 21.34 -7.66 37.24
CA GLU B 435 22.70 -7.13 37.22
C GLU B 435 22.90 -6.17 36.05
N GLY B 436 21.89 -5.35 35.77
CA GLY B 436 21.98 -4.32 34.76
C GLY B 436 21.90 -4.80 33.32
N LYS B 437 21.59 -6.07 33.13
CA LYS B 437 21.69 -6.69 31.81
C LYS B 437 20.37 -7.36 31.41
N ALA B 438 20.00 -7.21 30.13
CA ALA B 438 18.71 -7.71 29.64
C ALA B 438 18.85 -8.98 28.80
N LYS B 439 18.17 -10.03 29.22
CA LYS B 439 18.16 -11.28 28.48
C LYS B 439 16.74 -11.82 28.33
N ILE B 440 16.43 -12.34 27.16
CA ILE B 440 15.19 -13.11 27.03
C ILE B 440 15.25 -14.29 28.00
N THR B 441 14.23 -14.42 28.83
CA THR B 441 14.25 -15.42 29.87
C THR B 441 13.15 -16.44 29.61
N GLY B 442 12.11 -16.05 28.88
CA GLY B 442 11.10 -17.03 28.54
C GLY B 442 9.98 -16.59 27.63
N LYS B 443 8.83 -17.23 27.80
CA LYS B 443 7.66 -16.96 26.96
C LYS B 443 6.36 -17.26 27.74
N VAL B 444 5.32 -16.48 27.48
CA VAL B 444 4.00 -16.71 28.10
C VAL B 444 2.92 -16.67 27.02
N GLN B 445 1.71 -17.13 27.37
CA GLN B 445 0.63 -17.19 26.41
C GLN B 445 0.28 -15.78 25.92
N ALA B 446 0.08 -15.62 24.61
CA ALA B 446 -0.14 -14.30 24.06
C ALA B 446 -0.73 -14.34 22.65
N GLY B 447 -1.80 -15.11 22.47
CA GLY B 447 -2.46 -15.16 21.19
C GLY B 447 -3.32 -13.93 20.94
N TYR B 448 -4.14 -14.00 19.90
CA TYR B 448 -5.14 -12.97 19.66
C TYR B 448 -6.37 -13.21 20.54
N VAL B 449 -6.99 -12.15 21.05
CA VAL B 449 -8.30 -12.34 21.64
C VAL B 449 -9.36 -11.55 20.89
N TYR B 450 -10.49 -12.16 20.58
CA TYR B 450 -11.45 -11.51 19.72
C TYR B 450 -12.64 -10.98 20.53
N VAL B 451 -13.15 -9.80 20.18
CA VAL B 451 -14.36 -9.29 20.81
C VAL B 451 -15.36 -8.64 19.85
N ASP B 452 -16.63 -8.79 20.23
CA ASP B 452 -17.81 -8.21 19.57
C ASP B 452 -18.05 -8.76 18.17
#